data_6BPL
#
_entry.id   6BPL
#
_cell.length_a   74.747
_cell.length_b   91.606
_cell.length_c   111.013
_cell.angle_alpha   90.00
_cell.angle_beta   89.39
_cell.angle_gamma   90.00
#
_symmetry.space_group_name_H-M   'P 1 21 1'
#
loop_
_entity.id
_entity.type
_entity.pdbx_description
1 polymer 'Lipid A export ATP-binding/permease protein MsbA'
2 branched alpha-D-glucopyranose-(1-3)-[alpha-D-glucopyranose-(1-6)]alpha-D-glucopyranose-(1-3)-[L-glycero-alpha-D-manno-heptopyranose-(1-7)]L-glycero-alpha-D-manno-heptopyranose
3 branched '3-deoxy-alpha-D-manno-oct-2-ulopyranosonic acid-(2-4)-[L-glycero-alpha-D-manno-heptopyranose-(1-5)]3-deoxy-alpha-D-manno-oct-2-ulopyranosonic acid-(2-6)-2-amino-2-deoxy-beta-D-glucopyranose'
4 non-polymer 1,2-Distearoyl-sn-glycerophosphoethanolamine
5 non-polymer '(2E)-3-{6-[(1S)-1-(2-chloro-6-cyclopropylphenyl)ethoxy]-4-cyclopropylquinolin-3-yl}prop-2-enoic acid'
6 non-polymer '3-HYDROXY-TETRADECANOIC ACID'
7 non-polymer 'MYRISTIC ACID'
8 non-polymer 'PHOSPHATE ION'
9 non-polymer 2-amino-2-deoxy-alpha-D-glucopyranose
10 non-polymer 'LAURIC ACID'
11 non-polymer DIPHOSPHATE
#
_entity_poly.entity_id   1
_entity_poly.type   'polypeptide(L)'
_entity_poly.pdbx_seq_one_letter_code
;SHNDKDLSTWQTFRRLWPTIAPFKAGLIVAGVALILNAASDTFMLSLLKPLLDDGFGKTDRSVLVWMPLVVIGLMILRGI
TSYVSSYCISWVSGKVVMTMRRRLFGHMMGMPVSFFDKQSTGTLLSRITYDSEQVASSSSGALITVVREGASIIGLFIMM
FYYSWQLSIILIVLAPIVSIAIRVVSKRFRNISKNMQNTMGQVTTSAEQMLKGHKEVLIFGGQEVETKRFDKVSNRMRLQ
GMKMVSASSISDPIIQLIASLALAFVLYAASFPSVMDSLTAGTITVVFSSMIALMRPLKSLTNVNAQFQRGMAACQTLFT
ILDSEQEKDEGKRVIERATGDVEFRNVTFTYPGRDVPALRNINLKIPAGKTVALVGRSGSGKSTIASLITRFYDIDEGEI
LMDGHDLREYTLASLRNQVALVSQNVHLFNDTVANNIAYARTEQYSREQIEEAARMAYAMDFINKMDNGLDTVIGENGVL
LSGGQRQRIAIARALLRDSPILILDEATSALDTESERAIQAALDELQKNRTSLVIAHRLSTIEKADEIVVVEDGVIVERG
THNDLLEHRGVYAQLHKMQFGQ
;
_entity_poly.pdbx_strand_id   A,B
#
loop_
_chem_comp.id
_chem_comp.type
_chem_comp.name
_chem_comp.formula
3PE non-polymer 1,2-Distearoyl-sn-glycerophosphoethanolamine 'C41 H82 N O8 P'
AU7 non-polymer '(2E)-3-{6-[(1S)-1-(2-chloro-6-cyclopropylphenyl)ethoxy]-4-cyclopropylquinolin-3-yl}prop-2-enoic acid' 'C26 H24 Cl N O3'
DAO non-polymer 'LAURIC ACID' 'C12 H24 O2'
DPO non-polymer DIPHOSPHATE 'O7 P2 -4'
FTT non-polymer '3-HYDROXY-TETRADECANOIC ACID' 'C14 H28 O3'
GCS D-saccharide, beta linking 2-amino-2-deoxy-beta-D-glucopyranose 'C6 H13 N O5'
GLC D-saccharide, alpha linking alpha-D-glucopyranose 'C6 H12 O6'
GMH D-saccharide, alpha linking L-glycero-alpha-D-manno-heptopyranose 'C7 H14 O7'
KDO D-saccharide, alpha linking '3-deoxy-alpha-D-manno-oct-2-ulopyranosonic acid' 'C8 H14 O8'
MYR non-polymer 'MYRISTIC ACID' 'C14 H28 O2'
PA1 D-saccharide, alpha linking 2-amino-2-deoxy-alpha-D-glucopyranose 'C6 H13 N O5'
PO4 non-polymer 'PHOSPHATE ION' 'O4 P -3'
#
# COMPACT_ATOMS: atom_id res chain seq x y z
N ASP A 4 21.14 -14.19 -18.53
CA ASP A 4 21.39 -13.03 -17.69
C ASP A 4 20.69 -13.16 -16.34
N LYS A 5 19.38 -13.40 -16.39
CA LYS A 5 18.59 -13.36 -15.17
C LYS A 5 18.68 -14.67 -14.39
N ASP A 6 18.90 -15.81 -15.05
CA ASP A 6 19.20 -17.02 -14.30
C ASP A 6 20.47 -16.86 -13.49
N LEU A 7 21.41 -16.03 -13.96
CA LEU A 7 22.61 -15.74 -13.21
C LEU A 7 22.36 -14.68 -12.14
N SER A 8 21.66 -13.60 -12.49
CA SER A 8 21.39 -12.56 -11.52
C SER A 8 20.49 -13.05 -10.41
N THR A 9 19.56 -13.97 -10.71
CA THR A 9 18.75 -14.56 -9.64
C THR A 9 19.58 -15.54 -8.81
N TRP A 10 20.40 -16.36 -9.47
CA TRP A 10 21.09 -17.40 -8.71
C TRP A 10 22.17 -16.83 -7.81
N GLN A 11 22.89 -15.80 -8.27
CA GLN A 11 23.82 -15.13 -7.36
C GLN A 11 23.08 -14.46 -6.22
N THR A 12 21.88 -13.93 -6.49
CA THR A 12 21.06 -13.35 -5.43
C THR A 12 20.55 -14.43 -4.48
N PHE A 13 20.23 -15.62 -4.98
CA PHE A 13 19.80 -16.67 -4.08
C PHE A 13 20.93 -17.06 -3.14
N ARG A 14 22.12 -17.28 -3.68
CA ARG A 14 23.25 -17.62 -2.82
C ARG A 14 23.52 -16.53 -1.77
N ARG A 15 22.98 -15.32 -1.98
CA ARG A 15 23.04 -14.30 -0.93
C ARG A 15 22.06 -14.59 0.19
N LEU A 16 20.91 -15.17 -0.13
CA LEU A 16 19.86 -15.40 0.86
C LEU A 16 20.03 -16.69 1.64
N TRP A 17 20.71 -17.68 1.08
CA TRP A 17 20.86 -18.97 1.77
C TRP A 17 21.40 -18.83 3.18
N PRO A 18 22.38 -17.96 3.46
CA PRO A 18 22.78 -17.75 4.85
C PRO A 18 21.61 -17.49 5.79
N THR A 19 20.59 -16.75 5.33
CA THR A 19 19.42 -16.50 6.17
C THR A 19 18.57 -17.73 6.34
N ILE A 20 18.59 -18.64 5.35
CA ILE A 20 17.70 -19.80 5.36
C ILE A 20 18.34 -21.01 6.04
N ALA A 21 19.66 -21.17 5.94
CA ALA A 21 20.29 -22.40 6.37
C ALA A 21 20.06 -22.75 7.84
N PRO A 22 19.94 -21.80 8.77
CA PRO A 22 19.63 -22.17 10.15
C PRO A 22 18.32 -22.94 10.30
N PHE A 23 17.44 -22.89 9.30
CA PHE A 23 16.17 -23.61 9.31
C PHE A 23 16.16 -24.76 8.31
N LYS A 24 17.35 -25.17 7.84
CA LYS A 24 17.46 -26.24 6.87
C LYS A 24 16.75 -27.50 7.35
N ALA A 25 16.83 -27.78 8.66
CA ALA A 25 16.15 -28.95 9.20
C ALA A 25 14.66 -28.94 8.85
N GLY A 26 14.04 -27.76 8.89
CA GLY A 26 12.65 -27.66 8.47
C GLY A 26 12.45 -27.99 7.01
N LEU A 27 13.38 -27.57 6.16
CA LEU A 27 13.29 -27.89 4.74
C LEU A 27 13.44 -29.40 4.51
N ILE A 28 14.47 -30.00 5.11
CA ILE A 28 14.72 -31.42 4.89
C ILE A 28 13.48 -32.24 5.20
N VAL A 29 12.80 -31.93 6.30
CA VAL A 29 11.60 -32.68 6.68
C VAL A 29 10.48 -32.43 5.69
N ALA A 30 10.20 -31.17 5.38
CA ALA A 30 9.14 -30.85 4.44
C ALA A 30 9.28 -31.65 3.15
N GLY A 31 10.51 -31.78 2.65
CA GLY A 31 10.71 -32.44 1.36
C GLY A 31 10.43 -33.93 1.41
N VAL A 32 10.84 -34.60 2.49
CA VAL A 32 10.58 -36.03 2.62
C VAL A 32 9.08 -36.29 2.62
N ALA A 33 8.30 -35.47 3.33
CA ALA A 33 6.85 -35.60 3.29
C ALA A 33 6.33 -35.42 1.87
N LEU A 34 6.81 -34.39 1.17
CA LEU A 34 6.41 -34.19 -0.22
C LEU A 34 6.72 -35.41 -1.06
N ILE A 35 7.87 -36.04 -0.83
CA ILE A 35 8.19 -37.29 -1.52
C ILE A 35 7.11 -38.33 -1.22
N LEU A 36 6.93 -38.65 0.06
CA LEU A 36 5.89 -39.61 0.45
C LEU A 36 4.51 -39.15 -0.01
N ASN A 37 4.30 -37.85 -0.20
CA ASN A 37 3.02 -37.38 -0.71
C ASN A 37 2.83 -37.79 -2.17
N ALA A 38 3.89 -37.67 -2.98
CA ALA A 38 3.78 -38.02 -4.39
C ALA A 38 3.68 -39.53 -4.59
N ALA A 39 4.24 -40.31 -3.66
CA ALA A 39 4.16 -41.76 -3.76
C ALA A 39 2.76 -42.26 -3.43
N SER A 40 2.05 -41.60 -2.51
CA SER A 40 0.66 -41.95 -2.26
C SER A 40 -0.16 -41.85 -3.53
N ASP A 41 0.08 -40.82 -4.34
CA ASP A 41 -0.64 -40.69 -5.60
C ASP A 41 -0.18 -41.71 -6.62
N THR A 42 1.11 -42.05 -6.60
CA THR A 42 1.64 -43.05 -7.52
C THR A 42 1.16 -44.44 -7.13
N PHE A 43 1.22 -44.77 -5.83
CA PHE A 43 0.82 -46.11 -5.40
C PHE A 43 -0.67 -46.33 -5.50
N MET A 44 -1.47 -45.27 -5.56
CA MET A 44 -2.90 -45.47 -5.68
C MET A 44 -3.32 -45.74 -7.12
N LEU A 45 -2.63 -45.15 -8.10
CA LEU A 45 -2.94 -45.44 -9.49
C LEU A 45 -2.54 -46.86 -9.86
N SER A 46 -1.50 -47.40 -9.19
CA SER A 46 -1.17 -48.81 -9.39
C SER A 46 -2.31 -49.71 -8.93
N LEU A 47 -3.04 -49.30 -7.89
CA LEU A 47 -4.15 -50.11 -7.37
C LEU A 47 -5.22 -50.37 -8.43
N LEU A 48 -5.19 -49.67 -9.56
CA LEU A 48 -6.17 -49.94 -10.60
C LEU A 48 -5.90 -51.27 -11.30
N LYS A 49 -4.64 -51.67 -11.40
CA LYS A 49 -4.32 -52.90 -12.11
C LYS A 49 -4.86 -54.13 -11.42
N PRO A 50 -4.58 -54.39 -10.14
CA PRO A 50 -5.16 -55.58 -9.49
C PRO A 50 -6.68 -55.53 -9.41
N LEU A 51 -7.25 -54.33 -9.30
CA LEU A 51 -8.71 -54.19 -9.27
C LEU A 51 -9.33 -54.74 -10.54
N LEU A 52 -8.87 -54.27 -11.71
CA LEU A 52 -9.49 -54.67 -12.97
C LEU A 52 -9.11 -56.08 -13.35
N ASP A 53 -7.84 -56.46 -13.18
CA ASP A 53 -7.37 -57.75 -13.67
C ASP A 53 -7.81 -58.89 -12.76
N ASP A 54 -7.47 -58.83 -11.48
CA ASP A 54 -7.80 -59.91 -10.55
C ASP A 54 -9.19 -59.76 -9.94
N GLY A 55 -9.50 -58.57 -9.42
CA GLY A 55 -10.81 -58.35 -8.82
C GLY A 55 -11.95 -58.63 -9.78
N PHE A 56 -11.73 -58.40 -11.07
CA PHE A 56 -12.68 -58.78 -12.10
C PHE A 56 -12.15 -59.93 -12.97
N GLY A 57 -11.05 -60.55 -12.54
CA GLY A 57 -10.67 -61.87 -13.03
C GLY A 57 -11.18 -62.95 -12.10
N LYS A 58 -12.38 -62.72 -11.55
CA LYS A 58 -13.17 -63.73 -10.86
C LYS A 58 -12.80 -63.92 -9.39
N THR A 59 -12.17 -62.93 -8.77
CA THR A 59 -11.76 -63.04 -7.37
C THR A 59 -12.37 -61.89 -6.58
N ASP A 60 -13.09 -62.24 -5.51
CA ASP A 60 -13.73 -61.26 -4.65
C ASP A 60 -12.82 -60.76 -3.52
N ARG A 61 -11.73 -61.48 -3.22
CA ARG A 61 -10.86 -61.06 -2.12
C ARG A 61 -10.28 -59.67 -2.39
N SER A 62 -9.77 -59.46 -3.61
CA SER A 62 -9.08 -58.21 -3.92
C SER A 62 -9.98 -57.01 -3.66
N VAL A 63 -11.14 -56.97 -4.32
CA VAL A 63 -12.02 -55.82 -4.20
C VAL A 63 -12.53 -55.65 -2.77
N LEU A 64 -12.66 -56.75 -2.04
CA LEU A 64 -13.36 -56.72 -0.76
C LEU A 64 -12.44 -56.39 0.40
N VAL A 65 -11.67 -57.38 0.86
CA VAL A 65 -11.00 -57.27 2.15
C VAL A 65 -10.11 -56.04 2.18
N TRP A 66 -9.11 -55.98 1.31
CA TRP A 66 -8.01 -55.04 1.50
C TRP A 66 -8.07 -53.81 0.60
N MET A 67 -8.59 -53.93 -0.62
CA MET A 67 -8.62 -52.77 -1.52
C MET A 67 -9.20 -51.52 -0.88
N PRO A 68 -10.33 -51.57 -0.15
CA PRO A 68 -10.79 -50.35 0.51
C PRO A 68 -9.91 -49.93 1.67
N LEU A 69 -9.34 -50.89 2.40
CA LEU A 69 -8.43 -50.53 3.49
C LEU A 69 -7.24 -49.74 2.97
N VAL A 70 -6.54 -50.29 1.98
CA VAL A 70 -5.29 -49.66 1.51
C VAL A 70 -5.55 -48.22 1.09
N VAL A 71 -6.61 -47.99 0.32
CA VAL A 71 -6.89 -46.64 -0.15
C VAL A 71 -7.10 -45.70 1.04
N ILE A 72 -7.85 -46.15 2.04
CA ILE A 72 -8.03 -45.33 3.24
C ILE A 72 -6.68 -45.06 3.89
N GLY A 73 -5.85 -46.10 4.04
CA GLY A 73 -4.53 -45.90 4.60
C GLY A 73 -3.72 -44.90 3.79
N LEU A 74 -3.66 -45.10 2.47
CA LEU A 74 -2.92 -44.20 1.60
C LEU A 74 -3.38 -42.75 1.77
N MET A 75 -4.69 -42.53 1.90
CA MET A 75 -5.19 -41.17 2.08
C MET A 75 -4.71 -40.57 3.39
N ILE A 76 -4.75 -41.36 4.47
CA ILE A 76 -4.19 -40.90 5.74
C ILE A 76 -2.75 -40.46 5.55
N LEU A 77 -1.95 -41.29 4.88
CA LEU A 77 -0.57 -40.92 4.62
C LEU A 77 -0.48 -39.64 3.79
N ARG A 78 -1.37 -39.50 2.81
CA ARG A 78 -1.41 -38.28 2.01
C ARG A 78 -1.73 -37.08 2.88
N GLY A 79 -2.77 -37.19 3.71
CA GLY A 79 -3.15 -36.07 4.56
C GLY A 79 -2.05 -35.68 5.54
N ILE A 80 -1.33 -36.67 6.07
CA ILE A 80 -0.25 -36.37 7.00
C ILE A 80 0.92 -35.72 6.28
N THR A 81 1.37 -36.33 5.18
CA THR A 81 2.43 -35.71 4.38
C THR A 81 2.06 -34.30 3.98
N SER A 82 0.80 -34.10 3.59
CA SER A 82 0.30 -32.77 3.26
C SER A 82 0.53 -31.82 4.43
N TYR A 83 -0.16 -32.08 5.54
CA TYR A 83 -0.10 -31.17 6.69
C TYR A 83 1.34 -30.91 7.13
N VAL A 84 2.17 -31.95 7.15
CA VAL A 84 3.53 -31.80 7.66
C VAL A 84 4.33 -30.85 6.78
N SER A 85 4.43 -31.18 5.49
CA SER A 85 5.16 -30.32 4.56
C SER A 85 4.64 -28.88 4.66
N SER A 86 3.32 -28.71 4.65
CA SER A 86 2.72 -27.39 4.78
C SER A 86 3.21 -26.69 6.05
N TYR A 87 3.15 -27.38 7.18
CA TYR A 87 3.57 -26.76 8.44
C TYR A 87 5.06 -26.43 8.42
N CYS A 88 5.88 -27.33 7.88
CA CYS A 88 7.32 -27.10 7.87
C CYS A 88 7.69 -25.91 6.98
N ILE A 89 7.09 -25.82 5.80
CA ILE A 89 7.36 -24.69 4.91
C ILE A 89 6.89 -23.38 5.56
N SER A 90 5.66 -23.39 6.08
CA SER A 90 5.13 -22.20 6.74
C SER A 90 5.95 -21.82 7.97
N TRP A 91 6.69 -22.76 8.55
CA TRP A 91 7.59 -22.43 9.65
C TRP A 91 8.89 -21.83 9.14
N VAL A 92 9.50 -22.46 8.13
CA VAL A 92 10.73 -21.95 7.57
C VAL A 92 10.53 -20.54 7.01
N SER A 93 9.39 -20.31 6.35
CA SER A 93 9.14 -19.00 5.75
C SER A 93 8.97 -17.94 6.83
N GLY A 94 8.04 -18.15 7.76
CA GLY A 94 7.85 -17.21 8.84
C GLY A 94 9.15 -16.74 9.45
N LYS A 95 10.05 -17.68 9.73
CA LYS A 95 11.35 -17.32 10.28
C LYS A 95 12.13 -16.43 9.32
N VAL A 96 12.40 -16.94 8.12
CA VAL A 96 13.18 -16.18 7.14
C VAL A 96 12.56 -14.81 6.91
N VAL A 97 11.24 -14.74 6.78
CA VAL A 97 10.58 -13.45 6.61
C VAL A 97 10.89 -12.55 7.79
N MET A 98 10.54 -13.00 8.99
CA MET A 98 10.83 -12.23 10.20
C MET A 98 12.29 -11.79 10.22
N THR A 99 13.21 -12.72 9.97
CA THR A 99 14.63 -12.40 9.97
C THR A 99 14.94 -11.27 8.99
N MET A 100 14.47 -11.39 7.74
CA MET A 100 14.69 -10.32 6.77
C MET A 100 14.24 -8.98 7.31
N ARG A 101 13.08 -8.94 7.97
CA ARG A 101 12.56 -7.67 8.47
C ARG A 101 13.48 -7.07 9.51
N ARG A 102 13.94 -7.90 10.45
CA ARG A 102 14.83 -7.42 11.49
C ARG A 102 16.15 -6.92 10.90
N ARG A 103 16.57 -7.51 9.77
CA ARG A 103 17.76 -7.02 9.09
C ARG A 103 17.49 -5.68 8.41
N LEU A 104 16.36 -5.57 7.71
CA LEU A 104 15.99 -4.31 7.09
C LEU A 104 15.76 -3.23 8.14
N PHE A 105 14.89 -3.50 9.11
CA PHE A 105 14.63 -2.57 10.19
C PHE A 105 15.93 -2.12 10.84
N GLY A 106 16.74 -3.07 11.29
CA GLY A 106 18.01 -2.71 11.91
C GLY A 106 18.86 -1.83 11.03
N HIS A 107 18.84 -2.09 9.72
CA HIS A 107 19.68 -1.32 8.81
C HIS A 107 19.13 0.09 8.58
N MET A 108 17.81 0.23 8.52
CA MET A 108 17.22 1.53 8.27
C MET A 108 17.45 2.48 9.44
N MET A 109 17.38 1.95 10.66
CA MET A 109 17.60 2.78 11.84
C MET A 109 18.98 3.44 11.81
N GLY A 110 19.96 2.78 11.21
CA GLY A 110 21.31 3.31 11.18
C GLY A 110 21.64 4.03 9.89
N MET A 111 20.63 4.53 9.21
CA MET A 111 20.85 5.20 7.94
C MET A 111 21.11 6.68 8.15
N PRO A 112 21.71 7.35 7.15
CA PRO A 112 21.85 8.81 7.22
C PRO A 112 20.51 9.52 7.24
N VAL A 113 20.50 10.70 7.86
CA VAL A 113 19.29 11.51 7.92
C VAL A 113 18.87 11.95 6.53
N SER A 114 19.82 12.08 5.60
CA SER A 114 19.46 12.44 4.23
C SER A 114 18.58 11.38 3.61
N PHE A 115 18.79 10.12 3.98
CA PHE A 115 17.99 9.00 3.46
C PHE A 115 16.52 9.13 3.82
N PHE A 116 16.19 9.86 4.88
CA PHE A 116 14.83 9.90 5.41
C PHE A 116 14.06 11.16 5.01
N ASP A 117 14.72 12.33 5.01
CA ASP A 117 14.07 13.55 4.55
C ASP A 117 13.75 13.48 3.07
N LYS A 118 14.50 12.67 2.31
CA LYS A 118 14.35 12.57 0.87
C LYS A 118 13.32 11.54 0.45
N GLN A 119 13.20 10.44 1.20
CA GLN A 119 12.28 9.36 0.86
C GLN A 119 11.06 9.39 1.78
N SER A 120 9.89 9.20 1.20
CA SER A 120 8.68 9.07 1.99
C SER A 120 8.79 7.88 2.94
N THR A 121 8.35 8.09 4.18
CA THR A 121 8.44 7.03 5.17
C THR A 121 7.71 5.77 4.71
N GLY A 122 6.65 5.93 3.92
CA GLY A 122 5.82 4.80 3.55
C GLY A 122 6.54 3.81 2.64
N THR A 123 7.10 4.29 1.53
CA THR A 123 7.63 3.39 0.52
C THR A 123 8.62 2.39 1.12
N LEU A 124 9.46 2.83 2.06
CA LEU A 124 10.32 1.89 2.77
C LEU A 124 9.48 0.90 3.57
N LEU A 125 8.45 1.39 4.25
CA LEU A 125 7.64 0.55 5.13
C LEU A 125 6.87 -0.50 4.33
N SER A 126 6.25 -0.09 3.22
CA SER A 126 5.50 -1.03 2.40
C SER A 126 6.40 -2.14 1.88
N ARG A 127 7.53 -1.77 1.27
CA ARG A 127 8.35 -2.75 0.58
C ARG A 127 8.83 -3.86 1.51
N ILE A 128 9.26 -3.51 2.72
CA ILE A 128 9.89 -4.52 3.57
C ILE A 128 8.86 -5.53 4.09
N THR A 129 7.60 -5.10 4.26
CA THR A 129 6.56 -6.04 4.69
C THR A 129 6.04 -6.85 3.51
N TYR A 130 5.89 -6.22 2.35
CA TYR A 130 5.37 -6.92 1.19
C TYR A 130 6.43 -7.77 0.52
N ASP A 131 7.62 -7.20 0.27
CA ASP A 131 8.64 -7.92 -0.48
C ASP A 131 9.14 -9.14 0.27
N SER A 132 9.52 -8.97 1.54
CA SER A 132 10.05 -10.10 2.29
C SER A 132 9.05 -11.25 2.35
N GLU A 133 7.75 -10.94 2.32
CA GLU A 133 6.73 -12.00 2.26
C GLU A 133 6.69 -12.64 0.88
N GLN A 134 6.88 -11.84 -0.18
CA GLN A 134 6.88 -12.40 -1.53
C GLN A 134 8.12 -13.26 -1.77
N VAL A 135 9.25 -12.87 -1.20
CA VAL A 135 10.47 -13.67 -1.36
C VAL A 135 10.24 -15.08 -0.82
N ALA A 136 9.43 -15.21 0.23
CA ALA A 136 9.19 -16.51 0.81
C ALA A 136 8.08 -17.27 0.07
N SER A 137 7.00 -16.57 -0.26
CA SER A 137 5.89 -17.21 -0.99
C SER A 137 6.38 -17.80 -2.30
N SER A 138 7.10 -17.01 -3.09
CA SER A 138 7.60 -17.49 -4.38
C SER A 138 8.61 -18.61 -4.18
N SER A 139 9.59 -18.40 -3.29
CA SER A 139 10.60 -19.42 -3.04
C SER A 139 9.97 -20.71 -2.52
N SER A 140 9.08 -20.60 -1.54
CA SER A 140 8.40 -21.77 -0.99
C SER A 140 7.69 -22.54 -2.09
N GLY A 141 6.82 -21.86 -2.83
CA GLY A 141 6.11 -22.52 -3.92
C GLY A 141 7.05 -23.17 -4.93
N ALA A 142 8.20 -22.53 -5.18
CA ALA A 142 9.18 -23.11 -6.09
C ALA A 142 9.73 -24.41 -5.54
N LEU A 143 10.15 -24.42 -4.28
CA LEU A 143 10.68 -25.63 -3.67
C LEU A 143 9.65 -26.75 -3.71
N ILE A 144 8.44 -26.48 -3.22
CA ILE A 144 7.42 -27.52 -3.12
C ILE A 144 7.19 -28.19 -4.46
N THR A 145 7.30 -27.45 -5.55
CA THR A 145 7.04 -28.01 -6.88
C THR A 145 8.18 -28.92 -7.32
N VAL A 146 9.42 -28.43 -7.26
CA VAL A 146 10.55 -29.22 -7.75
C VAL A 146 10.65 -30.53 -7.01
N VAL A 147 10.27 -30.55 -5.73
CA VAL A 147 10.35 -31.78 -4.95
C VAL A 147 9.14 -32.67 -5.22
N ARG A 148 7.95 -32.18 -4.87
CA ARG A 148 6.76 -33.01 -4.97
C ARG A 148 6.54 -33.48 -6.41
N GLU A 149 6.40 -32.54 -7.34
CA GLU A 149 6.06 -32.90 -8.71
C GLU A 149 7.25 -33.54 -9.42
N GLY A 150 8.47 -33.13 -9.07
CA GLY A 150 9.64 -33.80 -9.60
C GLY A 150 9.73 -35.24 -9.14
N ALA A 151 9.26 -35.52 -7.93
CA ALA A 151 9.22 -36.90 -7.44
C ALA A 151 8.16 -37.72 -8.18
N SER A 152 6.99 -37.13 -8.43
CA SER A 152 5.89 -37.90 -9.02
C SER A 152 6.18 -38.25 -10.48
N ILE A 153 6.77 -37.33 -11.24
CA ILE A 153 7.11 -37.65 -12.63
C ILE A 153 8.07 -38.83 -12.67
N ILE A 154 9.02 -38.89 -11.72
CA ILE A 154 9.86 -40.08 -11.60
C ILE A 154 8.99 -41.28 -11.28
N GLY A 155 8.20 -41.19 -10.21
CA GLY A 155 7.32 -42.29 -9.84
C GLY A 155 6.44 -42.73 -10.99
N LEU A 156 5.92 -41.77 -11.76
CA LEU A 156 5.04 -42.11 -12.87
C LEU A 156 5.82 -42.64 -14.06
N PHE A 157 6.98 -42.06 -14.36
CA PHE A 157 7.77 -42.54 -15.49
C PHE A 157 8.17 -44.00 -15.31
N ILE A 158 8.59 -44.37 -14.11
CA ILE A 158 8.98 -45.76 -13.84
C ILE A 158 7.77 -46.68 -14.02
N MET A 159 6.68 -46.38 -13.31
CA MET A 159 5.50 -47.23 -13.38
C MET A 159 5.03 -47.42 -14.82
N MET A 160 5.18 -46.39 -15.66
CA MET A 160 4.85 -46.53 -17.07
C MET A 160 5.79 -47.52 -17.77
N PHE A 161 7.05 -47.57 -17.35
CA PHE A 161 8.01 -48.45 -18.00
C PHE A 161 7.88 -49.88 -17.52
N TYR A 162 7.50 -50.08 -16.26
CA TYR A 162 7.28 -51.43 -15.76
C TYR A 162 6.05 -52.06 -16.43
N TYR A 163 4.89 -51.41 -16.31
CA TYR A 163 3.71 -51.80 -17.06
C TYR A 163 3.82 -51.25 -18.48
N SER A 164 4.03 -52.13 -19.46
CA SER A 164 4.09 -51.74 -20.87
C SER A 164 5.30 -50.84 -21.14
N TRP A 165 6.47 -51.47 -21.06
CA TRP A 165 7.71 -50.81 -21.45
C TRP A 165 7.61 -50.18 -22.84
N GLN A 166 6.74 -50.72 -23.70
CA GLN A 166 6.67 -50.27 -25.08
C GLN A 166 5.97 -48.93 -25.21
N LEU A 167 4.76 -48.81 -24.65
CA LEU A 167 3.98 -47.59 -24.83
C LEU A 167 4.72 -46.35 -24.35
N SER A 168 5.52 -46.49 -23.29
CA SER A 168 6.17 -45.32 -22.70
C SER A 168 7.05 -44.61 -23.71
N ILE A 169 7.86 -45.36 -24.45
CA ILE A 169 8.87 -44.74 -25.30
C ILE A 169 8.21 -43.90 -26.39
N ILE A 170 7.09 -44.38 -26.93
CA ILE A 170 6.36 -43.58 -27.92
C ILE A 170 6.05 -42.20 -27.36
N LEU A 171 5.70 -42.14 -26.08
CA LEU A 171 5.46 -40.85 -25.43
C LEU A 171 6.75 -40.04 -25.37
N ILE A 172 7.88 -40.70 -25.08
CA ILE A 172 9.14 -39.99 -24.89
C ILE A 172 9.63 -39.41 -26.21
N VAL A 173 9.62 -40.23 -27.27
CA VAL A 173 10.06 -39.73 -28.57
C VAL A 173 9.20 -38.55 -29.02
N LEU A 174 7.92 -38.56 -28.66
CA LEU A 174 7.04 -37.42 -28.95
C LEU A 174 7.32 -36.24 -28.03
N ALA A 175 7.98 -36.46 -26.90
CA ALA A 175 8.11 -35.40 -25.89
C ALA A 175 8.76 -34.14 -26.43
N PRO A 176 9.94 -34.18 -27.06
CA PRO A 176 10.61 -32.91 -27.39
C PRO A 176 9.80 -32.02 -28.32
N ILE A 177 9.20 -32.57 -29.36
CA ILE A 177 8.43 -31.74 -30.29
C ILE A 177 7.16 -31.25 -29.62
N VAL A 178 6.50 -32.11 -28.84
CA VAL A 178 5.35 -31.65 -28.05
C VAL A 178 5.79 -30.52 -27.12
N SER A 179 6.95 -30.68 -26.49
CA SER A 179 7.46 -29.63 -25.61
C SER A 179 7.66 -28.33 -26.39
N ILE A 180 8.40 -28.40 -27.50
CA ILE A 180 8.65 -27.20 -28.30
C ILE A 180 7.34 -26.63 -28.81
N ALA A 181 6.42 -27.49 -29.26
CA ALA A 181 5.10 -27.02 -29.66
C ALA A 181 4.44 -26.22 -28.56
N ILE A 182 4.50 -26.73 -27.33
CA ILE A 182 3.82 -26.07 -26.22
C ILE A 182 4.52 -24.77 -25.85
N ARG A 183 5.85 -24.78 -25.81
CA ARG A 183 6.59 -23.58 -25.39
C ARG A 183 6.34 -22.43 -26.37
N VAL A 184 6.37 -22.71 -27.67
CA VAL A 184 6.13 -21.66 -28.66
C VAL A 184 4.74 -21.07 -28.48
N VAL A 185 3.72 -21.94 -28.45
CA VAL A 185 2.36 -21.46 -28.22
C VAL A 185 2.31 -20.61 -26.96
N SER A 186 2.99 -21.05 -25.91
CA SER A 186 2.96 -20.33 -24.64
C SER A 186 3.63 -18.97 -24.75
N LYS A 187 4.86 -18.94 -25.26
CA LYS A 187 5.60 -17.68 -25.37
C LYS A 187 4.90 -16.69 -26.29
N ARG A 188 4.16 -17.17 -27.29
CA ARG A 188 3.47 -16.28 -28.22
C ARG A 188 2.47 -15.40 -27.48
N PHE A 189 1.60 -16.02 -26.68
CA PHE A 189 0.43 -15.33 -26.13
C PHE A 189 0.68 -14.82 -24.72
N ARG A 190 0.91 -15.73 -23.77
CA ARG A 190 0.78 -15.40 -22.35
C ARG A 190 2.13 -14.93 -21.79
N ASN A 191 2.34 -13.61 -21.86
CA ASN A 191 3.37 -12.92 -21.09
C ASN A 191 3.07 -11.42 -21.10
N ILE A 192 1.88 -11.04 -20.63
CA ILE A 192 1.41 -9.66 -20.78
C ILE A 192 0.77 -9.13 -19.50
N SER A 193 1.25 -9.57 -18.34
CA SER A 193 0.69 -9.05 -17.08
C SER A 193 1.08 -7.59 -16.88
N LYS A 194 2.30 -7.23 -17.26
CA LYS A 194 2.74 -5.84 -17.07
C LYS A 194 1.94 -4.88 -17.93
N ASN A 195 1.50 -5.31 -19.11
CA ASN A 195 0.72 -4.43 -19.99
C ASN A 195 -0.49 -3.86 -19.26
N MET A 196 -1.14 -4.68 -18.44
CA MET A 196 -2.29 -4.21 -17.68
C MET A 196 -1.85 -3.43 -16.44
N GLN A 197 -0.78 -3.87 -15.79
CA GLN A 197 -0.25 -3.14 -14.64
C GLN A 197 -0.05 -1.66 -14.99
N ASN A 198 0.48 -1.38 -16.19
CA ASN A 198 0.62 0.00 -16.62
C ASN A 198 -0.74 0.65 -16.75
N THR A 199 -1.67 0.00 -17.45
CA THR A 199 -3.00 0.57 -17.65
C THR A 199 -3.72 0.77 -16.33
N MET A 200 -3.67 -0.23 -15.45
CA MET A 200 -4.28 -0.08 -14.13
C MET A 200 -3.64 1.05 -13.36
N GLY A 201 -2.31 1.18 -13.44
CA GLY A 201 -1.64 2.29 -12.80
C GLY A 201 -2.23 3.62 -13.19
N GLN A 202 -2.64 3.75 -14.46
CA GLN A 202 -3.23 5.00 -14.93
C GLN A 202 -4.65 5.17 -14.40
N VAL A 203 -5.40 4.08 -14.25
CA VAL A 203 -6.67 4.17 -13.53
C VAL A 203 -6.43 4.65 -12.12
N THR A 204 -5.40 4.11 -11.47
CA THR A 204 -5.07 4.52 -10.10
C THR A 204 -4.70 6.00 -10.06
N THR A 205 -3.81 6.43 -10.95
CA THR A 205 -3.31 7.81 -10.92
C THR A 205 -4.45 8.80 -11.11
N SER A 206 -5.26 8.61 -12.16
CA SER A 206 -6.35 9.55 -12.43
C SER A 206 -7.31 9.63 -11.25
N ALA A 207 -7.74 8.47 -10.74
CA ALA A 207 -8.66 8.46 -9.62
C ALA A 207 -8.04 9.12 -8.39
N GLU A 208 -6.79 8.78 -8.09
CA GLU A 208 -6.13 9.35 -6.92
C GLU A 208 -5.97 10.85 -7.06
N GLN A 209 -5.53 11.32 -8.23
CA GLN A 209 -5.38 12.75 -8.48
C GLN A 209 -6.69 13.49 -8.25
N MET A 210 -7.80 12.94 -8.75
CA MET A 210 -9.09 13.61 -8.59
C MET A 210 -9.52 13.63 -7.13
N LEU A 211 -9.38 12.49 -6.43
CA LEU A 211 -9.83 12.41 -5.05
C LEU A 211 -9.01 13.31 -4.13
N LYS A 212 -7.69 13.23 -4.22
CA LYS A 212 -6.84 14.04 -3.36
C LYS A 212 -6.96 15.52 -3.72
N GLY A 213 -6.77 15.85 -4.99
CA GLY A 213 -6.87 17.23 -5.43
C GLY A 213 -8.29 17.63 -5.74
N HIS A 214 -9.23 17.14 -4.93
CA HIS A 214 -10.64 17.43 -5.17
C HIS A 214 -10.93 18.92 -5.08
N LYS A 215 -10.15 19.66 -4.31
CA LYS A 215 -10.48 21.07 -4.06
C LYS A 215 -10.05 21.99 -5.20
N GLU A 216 -8.94 21.69 -5.87
CA GLU A 216 -8.56 22.49 -7.03
C GLU A 216 -9.41 22.16 -8.26
N VAL A 217 -9.89 20.93 -8.37
CA VAL A 217 -10.83 20.59 -9.43
C VAL A 217 -12.07 21.48 -9.35
N LEU A 218 -12.54 21.74 -8.13
CA LEU A 218 -13.74 22.56 -7.95
C LEU A 218 -13.45 24.03 -8.22
N ILE A 219 -12.34 24.54 -7.69
CA ILE A 219 -12.00 25.94 -7.89
C ILE A 219 -11.72 26.21 -9.37
N PHE A 220 -10.85 25.40 -9.97
CA PHE A 220 -10.39 25.66 -11.32
C PHE A 220 -11.27 25.00 -12.39
N GLY A 221 -12.37 24.35 -12.00
CA GLY A 221 -13.36 23.86 -12.94
C GLY A 221 -12.83 22.87 -13.96
N GLY A 222 -12.20 21.79 -13.48
CA GLY A 222 -11.66 20.77 -14.36
C GLY A 222 -12.41 19.45 -14.27
N GLN A 223 -13.73 19.53 -14.11
CA GLN A 223 -14.51 18.30 -14.02
C GLN A 223 -14.53 17.55 -15.35
N GLU A 224 -14.68 18.28 -16.46
CA GLU A 224 -14.67 17.62 -17.76
C GLU A 224 -13.29 17.07 -18.09
N VAL A 225 -12.23 17.85 -17.85
CA VAL A 225 -10.88 17.38 -18.17
C VAL A 225 -10.55 16.15 -17.35
N GLU A 226 -11.05 16.06 -16.10
CA GLU A 226 -10.80 14.87 -15.29
C GLU A 226 -11.72 13.72 -15.70
N THR A 227 -13.00 14.01 -15.93
CA THR A 227 -13.93 12.98 -16.37
C THR A 227 -13.47 12.33 -17.67
N LYS A 228 -13.39 13.13 -18.73
CA LYS A 228 -12.98 12.61 -20.03
C LYS A 228 -11.68 11.84 -19.94
N ARG A 229 -10.81 12.21 -19.00
CA ARG A 229 -9.56 11.47 -18.83
C ARG A 229 -9.80 10.12 -18.18
N PHE A 230 -10.70 10.06 -17.19
CA PHE A 230 -11.06 8.77 -16.60
C PHE A 230 -11.89 7.92 -17.55
N ASP A 231 -12.60 8.54 -18.48
CA ASP A 231 -13.33 7.77 -19.50
C ASP A 231 -12.37 7.01 -20.41
N LYS A 232 -11.27 7.65 -20.79
CA LYS A 232 -10.27 7.01 -21.64
C LYS A 232 -9.57 5.89 -20.90
N VAL A 233 -8.95 6.21 -19.77
CA VAL A 233 -8.08 5.26 -19.10
C VAL A 233 -8.86 4.05 -18.63
N SER A 234 -10.07 4.26 -18.10
CA SER A 234 -10.85 3.13 -17.62
C SER A 234 -11.22 2.17 -18.73
N ASN A 235 -11.40 2.68 -19.96
CA ASN A 235 -11.68 1.79 -21.08
C ASN A 235 -10.45 0.98 -21.46
N ARG A 236 -9.28 1.63 -21.50
CA ARG A 236 -8.06 0.89 -21.80
C ARG A 236 -7.78 -0.14 -20.72
N MET A 237 -8.07 0.19 -19.46
CA MET A 237 -8.01 -0.81 -18.41
C MET A 237 -8.97 -1.96 -18.71
N ARG A 238 -10.19 -1.62 -19.14
CA ARG A 238 -11.16 -2.66 -19.51
C ARG A 238 -10.61 -3.52 -20.64
N LEU A 239 -10.14 -2.89 -21.72
CA LEU A 239 -9.64 -3.63 -22.86
C LEU A 239 -8.46 -4.53 -22.47
N GLN A 240 -7.51 -3.98 -21.72
CA GLN A 240 -6.35 -4.77 -21.32
C GLN A 240 -6.74 -5.94 -20.45
N GLY A 241 -7.79 -5.79 -19.63
CA GLY A 241 -8.27 -6.92 -18.86
C GLY A 241 -8.73 -8.07 -19.74
N MET A 242 -9.29 -7.76 -20.90
CA MET A 242 -9.73 -8.80 -21.83
C MET A 242 -8.54 -9.39 -22.59
N LYS A 243 -7.66 -8.54 -23.11
CA LYS A 243 -6.42 -9.04 -23.69
C LYS A 243 -5.67 -9.92 -22.70
N MET A 244 -5.87 -9.67 -21.41
CA MET A 244 -5.23 -10.48 -20.38
C MET A 244 -5.80 -11.89 -20.36
N VAL A 245 -7.13 -12.01 -20.36
CA VAL A 245 -7.75 -13.33 -20.34
C VAL A 245 -7.64 -14.01 -21.70
N SER A 246 -7.87 -13.27 -22.78
CA SER A 246 -7.71 -13.82 -24.12
C SER A 246 -6.36 -14.49 -24.29
N ALA A 247 -5.34 -13.99 -23.59
CA ALA A 247 -4.04 -14.64 -23.60
C ALA A 247 -4.15 -16.10 -23.17
N SER A 248 -4.82 -16.36 -22.06
CA SER A 248 -4.94 -17.71 -21.54
C SER A 248 -6.16 -18.44 -22.06
N SER A 249 -7.21 -17.73 -22.46
CA SER A 249 -8.35 -18.38 -23.10
C SER A 249 -7.95 -19.01 -24.42
N ILE A 250 -6.97 -18.41 -25.10
CA ILE A 250 -6.47 -18.96 -26.36
C ILE A 250 -5.38 -20.00 -26.12
N SER A 251 -4.46 -19.72 -25.18
CA SER A 251 -3.28 -20.55 -25.02
C SER A 251 -3.57 -21.86 -24.31
N ASP A 252 -4.51 -21.86 -23.36
CA ASP A 252 -4.81 -23.09 -22.63
C ASP A 252 -5.43 -24.16 -23.51
N PRO A 253 -6.52 -23.89 -24.25
CA PRO A 253 -7.11 -24.97 -25.06
C PRO A 253 -6.19 -25.47 -26.16
N ILE A 254 -5.31 -24.61 -26.69
CA ILE A 254 -4.38 -25.04 -27.72
C ILE A 254 -3.37 -26.03 -27.17
N ILE A 255 -2.88 -25.78 -25.96
CA ILE A 255 -1.76 -26.57 -25.44
C ILE A 255 -2.19 -27.99 -25.12
N GLN A 256 -3.32 -28.14 -24.41
CA GLN A 256 -3.78 -29.49 -24.11
C GLN A 256 -4.27 -30.22 -25.35
N LEU A 257 -4.61 -29.49 -26.42
CA LEU A 257 -4.88 -30.13 -27.70
C LEU A 257 -3.59 -30.71 -28.29
N ILE A 258 -2.48 -29.97 -28.19
CA ILE A 258 -1.20 -30.51 -28.64
C ILE A 258 -0.86 -31.78 -27.88
N ALA A 259 -1.02 -31.74 -26.55
CA ALA A 259 -0.79 -32.94 -25.74
C ALA A 259 -1.87 -33.99 -25.96
N SER A 260 -3.03 -33.60 -26.49
CA SER A 260 -4.07 -34.56 -26.79
C SER A 260 -3.72 -35.38 -28.04
N LEU A 261 -3.10 -34.74 -29.02
CA LEU A 261 -2.57 -35.47 -30.17
C LEU A 261 -1.59 -36.54 -29.75
N ALA A 262 -0.56 -36.13 -28.99
CA ALA A 262 0.52 -37.05 -28.64
C ALA A 262 0.00 -38.29 -27.92
N LEU A 263 -1.09 -38.16 -27.16
CA LEU A 263 -1.64 -39.31 -26.45
C LEU A 263 -2.48 -40.19 -27.37
N ALA A 264 -3.19 -39.59 -28.32
CA ALA A 264 -3.96 -40.39 -29.27
C ALA A 264 -3.04 -41.24 -30.12
N PHE A 265 -1.91 -40.68 -30.55
CA PHE A 265 -0.93 -41.48 -31.28
C PHE A 265 -0.37 -42.60 -30.43
N VAL A 266 -0.29 -42.39 -29.11
CA VAL A 266 0.07 -43.49 -28.20
C VAL A 266 -1.09 -44.47 -28.09
N LEU A 267 -2.32 -43.99 -28.20
CA LEU A 267 -3.48 -44.87 -28.16
C LEU A 267 -3.75 -45.50 -29.52
N TYR A 268 -3.34 -44.84 -30.60
CA TYR A 268 -3.43 -45.44 -31.93
C TYR A 268 -2.44 -46.58 -32.10
N ALA A 269 -1.36 -46.60 -31.30
CA ALA A 269 -0.46 -47.74 -31.27
C ALA A 269 -0.98 -48.84 -30.36
N ALA A 270 -1.81 -48.49 -29.37
CA ALA A 270 -2.34 -49.49 -28.46
C ALA A 270 -3.12 -50.57 -29.21
N SER A 271 -3.68 -50.23 -30.37
CA SER A 271 -4.46 -51.20 -31.13
C SER A 271 -3.58 -52.17 -31.89
N PHE A 272 -2.37 -51.77 -32.26
CA PHE A 272 -1.56 -52.60 -33.15
C PHE A 272 -1.01 -53.82 -32.41
N PRO A 273 -0.76 -54.92 -33.12
CA PRO A 273 -0.69 -56.23 -32.43
C PRO A 273 0.59 -56.45 -31.62
N SER A 274 1.73 -55.91 -32.04
CA SER A 274 3.00 -56.32 -31.45
C SER A 274 3.01 -56.23 -29.93
N VAL A 275 2.31 -55.24 -29.36
CA VAL A 275 2.42 -54.95 -27.95
C VAL A 275 1.14 -55.23 -27.18
N MET A 276 -0.03 -55.06 -27.79
CA MET A 276 -1.28 -55.29 -27.07
C MET A 276 -1.43 -56.76 -26.63
N ASP A 277 -0.73 -57.68 -27.29
CA ASP A 277 -0.87 -59.09 -26.94
C ASP A 277 -0.41 -59.36 -25.51
N SER A 278 0.81 -58.92 -25.17
CA SER A 278 1.33 -59.16 -23.83
C SER A 278 0.49 -58.47 -22.77
N LEU A 279 -0.04 -57.28 -23.09
CA LEU A 279 -0.69 -56.45 -22.09
C LEU A 279 -2.15 -56.89 -21.88
N THR A 280 -2.72 -56.39 -20.78
CA THR A 280 -4.07 -56.72 -20.36
C THR A 280 -4.85 -55.44 -20.09
N ALA A 281 -6.16 -55.61 -19.87
CA ALA A 281 -7.02 -54.45 -19.64
C ALA A 281 -6.67 -53.70 -18.36
N GLY A 282 -6.00 -54.37 -17.41
CA GLY A 282 -5.62 -53.71 -16.17
C GLY A 282 -4.34 -52.91 -16.28
N THR A 283 -3.44 -53.27 -17.20
CA THR A 283 -2.20 -52.54 -17.37
C THR A 283 -2.36 -51.30 -18.23
N ILE A 284 -3.29 -51.32 -19.19
CA ILE A 284 -3.55 -50.11 -19.96
C ILE A 284 -4.11 -49.02 -19.08
N THR A 285 -5.02 -49.37 -18.17
CA THR A 285 -5.65 -48.36 -17.32
C THR A 285 -4.63 -47.66 -16.45
N VAL A 286 -3.65 -48.41 -15.91
CA VAL A 286 -2.64 -47.80 -15.06
C VAL A 286 -1.56 -47.09 -15.86
N VAL A 287 -1.33 -47.49 -17.11
CA VAL A 287 -0.33 -46.82 -17.93
C VAL A 287 -0.87 -45.48 -18.44
N PHE A 288 -2.09 -45.48 -18.98
CA PHE A 288 -2.66 -44.24 -19.50
C PHE A 288 -2.97 -43.27 -18.39
N SER A 289 -3.60 -43.74 -17.31
CA SER A 289 -3.85 -42.85 -16.18
C SER A 289 -2.55 -42.25 -15.66
N SER A 290 -1.44 -42.97 -15.77
CA SER A 290 -0.15 -42.40 -15.38
C SER A 290 0.28 -41.30 -16.35
N MET A 291 0.07 -41.51 -17.65
CA MET A 291 0.36 -40.46 -18.62
C MET A 291 -0.51 -39.24 -18.37
N ILE A 292 -1.79 -39.45 -18.08
CA ILE A 292 -2.67 -38.34 -17.73
C ILE A 292 -2.19 -37.68 -16.45
N ALA A 293 -1.86 -38.49 -15.44
CA ALA A 293 -1.35 -37.96 -14.19
C ALA A 293 -0.05 -37.19 -14.39
N LEU A 294 0.66 -37.43 -15.50
CA LEU A 294 1.90 -36.72 -15.77
C LEU A 294 1.67 -35.30 -16.26
N MET A 295 0.47 -34.98 -16.73
CA MET A 295 0.25 -33.71 -17.39
C MET A 295 0.35 -32.55 -16.40
N ARG A 296 -0.22 -32.69 -15.21
CA ARG A 296 -0.16 -31.60 -14.24
C ARG A 296 1.26 -31.36 -13.76
N PRO A 297 1.99 -32.37 -13.27
CA PRO A 297 3.40 -32.14 -12.90
C PRO A 297 4.21 -31.44 -13.98
N LEU A 298 4.15 -31.92 -15.22
CA LEU A 298 4.92 -31.29 -16.30
C LEU A 298 4.55 -29.82 -16.46
N LYS A 299 3.28 -29.47 -16.24
CA LYS A 299 2.88 -28.07 -16.30
C LYS A 299 3.48 -27.27 -15.15
N SER A 300 3.45 -27.83 -13.94
CA SER A 300 3.94 -27.10 -12.77
C SER A 300 5.44 -26.86 -12.86
N LEU A 301 6.19 -27.83 -13.34
CA LEU A 301 7.66 -27.72 -13.30
C LEU A 301 8.15 -26.68 -14.30
N THR A 302 7.70 -26.74 -15.55
CA THR A 302 8.19 -25.82 -16.55
C THR A 302 7.83 -24.37 -16.24
N ASN A 303 7.04 -24.11 -15.21
CA ASN A 303 6.74 -22.75 -14.77
C ASN A 303 7.41 -22.41 -13.44
N VAL A 304 8.43 -23.17 -13.04
CA VAL A 304 9.11 -22.92 -11.78
C VAL A 304 10.07 -21.74 -11.89
N ASN A 305 10.85 -21.68 -12.97
CA ASN A 305 11.78 -20.56 -13.15
C ASN A 305 11.04 -19.23 -13.04
N ALA A 306 9.90 -19.10 -13.73
CA ALA A 306 9.13 -17.87 -13.64
C ALA A 306 8.76 -17.56 -12.19
N GLN A 307 8.45 -18.61 -11.42
CA GLN A 307 8.08 -18.41 -10.02
C GLN A 307 9.29 -18.06 -9.17
N PHE A 308 10.39 -18.80 -9.35
CA PHE A 308 11.58 -18.59 -8.54
C PHE A 308 12.24 -17.25 -8.88
N GLN A 309 12.49 -16.99 -10.17
CA GLN A 309 13.11 -15.74 -10.57
C GLN A 309 12.34 -14.54 -10.04
N ARG A 310 11.01 -14.65 -9.97
CA ARG A 310 10.22 -13.56 -9.40
C ARG A 310 10.58 -13.33 -7.95
N GLY A 311 10.70 -14.40 -7.16
CA GLY A 311 11.02 -14.24 -5.75
C GLY A 311 12.37 -13.58 -5.53
N MET A 312 13.37 -13.94 -6.37
CA MET A 312 14.68 -13.32 -6.26
C MET A 312 14.68 -11.88 -6.78
N ALA A 313 13.75 -11.53 -7.67
CA ALA A 313 13.64 -10.16 -8.13
C ALA A 313 13.17 -9.22 -7.03
N ALA A 314 12.45 -9.74 -6.03
CA ALA A 314 12.07 -8.96 -4.86
C ALA A 314 13.09 -9.07 -3.74
N CYS A 315 13.86 -10.16 -3.69
CA CYS A 315 14.92 -10.28 -2.70
C CYS A 315 16.07 -9.34 -3.02
N GLN A 316 16.30 -9.05 -4.30
CA GLN A 316 17.33 -8.10 -4.69
C GLN A 316 16.98 -6.69 -4.21
N THR A 317 15.71 -6.29 -4.30
CA THR A 317 15.31 -4.98 -3.83
C THR A 317 15.53 -4.86 -2.32
N LEU A 318 15.42 -5.97 -1.59
CA LEU A 318 15.77 -5.96 -0.17
C LEU A 318 17.28 -5.96 0.04
N PHE A 319 18.03 -6.46 -0.93
CA PHE A 319 19.49 -6.52 -0.78
C PHE A 319 20.13 -5.17 -1.12
N THR A 320 19.59 -4.45 -2.11
CA THR A 320 20.13 -3.13 -2.42
C THR A 320 19.99 -2.19 -1.25
N ILE A 321 18.80 -2.17 -0.62
CA ILE A 321 18.59 -1.33 0.56
C ILE A 321 19.59 -1.72 1.66
N LEU A 322 19.87 -3.02 1.80
CA LEU A 322 20.89 -3.45 2.75
C LEU A 322 22.28 -2.99 2.30
N ASP A 323 22.52 -2.96 0.99
CA ASP A 323 23.83 -2.53 0.49
C ASP A 323 24.02 -1.03 0.59
N SER A 324 22.95 -0.26 0.76
CA SER A 324 23.07 1.17 0.89
C SER A 324 24.04 1.52 2.01
N GLU A 325 24.72 2.66 1.87
CA GLU A 325 25.74 3.06 2.82
C GLU A 325 25.11 3.65 4.07
N GLN A 326 25.52 3.15 5.23
CA GLN A 326 25.00 3.64 6.49
C GLN A 326 25.78 4.87 6.95
N GLU A 327 25.30 5.49 8.03
CA GLU A 327 25.95 6.66 8.61
C GLU A 327 27.44 6.41 8.80
N LYS A 328 28.26 7.32 8.29
CA LYS A 328 29.70 7.23 8.50
C LYS A 328 30.02 7.46 9.96
N ASP A 329 30.79 6.55 10.55
CA ASP A 329 30.93 6.48 12.00
C ASP A 329 32.26 5.75 12.28
N GLU A 330 33.33 6.53 12.40
CA GLU A 330 34.67 5.97 12.59
C GLU A 330 35.40 6.68 13.72
N GLY A 331 34.66 7.20 14.70
CA GLY A 331 35.22 8.01 15.75
C GLY A 331 36.28 7.29 16.59
N LYS A 332 35.89 6.20 17.25
CA LYS A 332 36.75 5.42 18.12
C LYS A 332 37.03 6.11 19.45
N ARG A 333 36.46 7.29 19.69
CA ARG A 333 36.64 8.01 20.94
C ARG A 333 35.30 8.08 21.66
N VAL A 334 35.32 7.82 22.97
CA VAL A 334 34.12 7.84 23.80
C VAL A 334 34.36 8.77 24.96
N ILE A 335 33.36 9.60 25.26
CA ILE A 335 33.46 10.59 26.33
C ILE A 335 32.25 10.45 27.24
N GLU A 336 32.50 10.27 28.53
CA GLU A 336 31.45 10.22 29.54
C GLU A 336 31.30 11.61 30.15
N ARG A 337 30.16 12.24 29.92
CA ARG A 337 29.84 13.57 30.45
C ARG A 337 30.89 14.59 30.02
N ALA A 338 30.82 14.93 28.73
CA ALA A 338 31.67 15.98 28.18
C ALA A 338 31.41 17.29 28.90
N THR A 339 32.43 18.16 28.92
CA THR A 339 32.28 19.46 29.56
C THR A 339 31.29 20.33 28.79
N GLY A 340 31.44 20.39 27.47
CA GLY A 340 30.60 21.22 26.64
C GLY A 340 31.30 22.45 26.12
N ASP A 341 32.46 22.27 25.49
CA ASP A 341 33.25 23.37 24.94
C ASP A 341 33.21 23.24 23.41
N VAL A 342 32.16 23.82 22.81
CA VAL A 342 31.86 23.62 21.40
C VAL A 342 32.35 24.84 20.62
N GLU A 343 33.08 24.60 19.53
CA GLU A 343 33.68 25.68 18.76
C GLU A 343 33.65 25.33 17.28
N PHE A 344 32.97 26.16 16.49
CA PHE A 344 33.05 26.06 15.04
C PHE A 344 34.28 26.81 14.55
N ARG A 345 35.08 26.17 13.70
CA ARG A 345 36.28 26.79 13.16
C ARG A 345 36.27 26.64 11.64
N ASN A 346 35.86 27.69 10.94
CA ASN A 346 35.98 27.75 9.49
C ASN A 346 34.99 26.80 8.82
N VAL A 347 33.80 26.69 9.41
CA VAL A 347 32.83 25.69 8.96
C VAL A 347 32.08 26.22 7.73
N THR A 348 31.98 25.38 6.70
CA THR A 348 31.15 25.63 5.54
C THR A 348 30.45 24.33 5.18
N PHE A 349 29.21 24.43 4.70
CA PHE A 349 28.42 23.23 4.49
C PHE A 349 27.24 23.53 3.57
N THR A 350 26.98 22.60 2.64
CA THR A 350 25.84 22.68 1.74
C THR A 350 25.05 21.38 1.84
N TYR A 351 23.73 21.50 2.00
CA TYR A 351 22.89 20.31 2.10
C TYR A 351 23.06 19.45 0.85
N PRO A 352 22.91 18.13 0.99
CA PRO A 352 23.11 17.25 -0.18
C PRO A 352 22.19 17.64 -1.33
N GLY A 353 22.77 17.68 -2.54
CA GLY A 353 22.03 17.98 -3.74
C GLY A 353 21.83 19.45 -4.03
N ARG A 354 21.92 20.32 -3.04
CA ARG A 354 21.82 21.74 -3.27
C ARG A 354 23.16 22.30 -3.77
N ASP A 355 23.13 23.54 -4.28
CA ASP A 355 24.32 24.18 -4.82
C ASP A 355 24.58 25.54 -4.19
N VAL A 356 23.89 25.89 -3.11
CA VAL A 356 24.14 27.12 -2.36
C VAL A 356 24.46 26.72 -0.93
N PRO A 357 25.66 26.98 -0.41
CA PRO A 357 25.98 26.54 0.95
C PRO A 357 25.01 27.12 1.97
N ALA A 358 24.58 26.26 2.89
CA ALA A 358 23.75 26.71 4.00
C ALA A 358 24.56 27.51 5.01
N LEU A 359 25.87 27.30 5.06
CA LEU A 359 26.77 28.02 5.94
C LEU A 359 28.07 28.26 5.19
N ARG A 360 28.79 29.33 5.57
CA ARG A 360 30.06 29.64 4.95
C ARG A 360 30.99 30.26 5.98
N ASN A 361 32.25 29.79 6.00
CA ASN A 361 33.30 30.32 6.85
C ASN A 361 32.77 30.65 8.25
N ILE A 362 31.94 29.75 8.79
CA ILE A 362 31.36 29.97 10.11
C ILE A 362 32.43 29.73 11.16
N ASN A 363 32.71 30.76 11.97
CA ASN A 363 33.58 30.64 13.12
C ASN A 363 32.81 31.18 14.32
N LEU A 364 32.50 30.30 15.28
CA LEU A 364 31.90 30.74 16.53
C LEU A 364 32.32 29.78 17.63
N LYS A 365 32.26 30.28 18.87
CA LYS A 365 32.77 29.56 20.03
C LYS A 365 31.71 29.58 21.11
N ILE A 366 31.45 28.42 21.71
CA ILE A 366 30.47 28.29 22.78
C ILE A 366 31.16 27.67 23.98
N PRO A 367 31.54 28.46 24.97
CA PRO A 367 32.24 27.91 26.15
C PRO A 367 31.28 27.16 27.07
N ALA A 368 31.87 26.35 27.94
CA ALA A 368 31.09 25.48 28.81
C ALA A 368 30.26 26.29 29.79
N GLY A 369 29.06 25.79 30.08
CA GLY A 369 28.18 26.38 31.07
C GLY A 369 27.48 27.66 30.65
N LYS A 370 27.63 28.08 29.40
CA LYS A 370 27.10 29.37 28.96
C LYS A 370 26.28 29.21 27.68
N THR A 371 25.32 30.11 27.50
CA THR A 371 24.36 30.05 26.41
C THR A 371 24.73 31.04 25.32
N VAL A 372 24.29 30.74 24.09
CA VAL A 372 24.41 31.66 22.96
C VAL A 372 23.13 31.57 22.15
N ALA A 373 22.62 32.72 21.72
CA ALA A 373 21.39 32.78 20.94
C ALA A 373 21.71 33.04 19.48
N LEU A 374 21.10 32.25 18.60
CA LEU A 374 21.26 32.42 17.16
C LEU A 374 19.95 32.97 16.61
N VAL A 375 19.95 34.26 16.31
CA VAL A 375 18.79 34.92 15.74
C VAL A 375 19.16 35.47 14.37
N GLY A 376 18.19 35.49 13.48
CA GLY A 376 18.43 35.96 12.13
C GLY A 376 17.23 35.68 11.26
N ARG A 377 17.30 36.20 10.03
CA ARG A 377 16.19 36.05 9.09
C ARG A 377 15.78 34.60 8.97
N SER A 378 14.47 34.35 9.03
CA SER A 378 13.96 32.99 8.95
C SER A 378 14.32 32.37 7.61
N GLY A 379 14.57 31.06 7.63
CA GLY A 379 15.03 30.35 6.45
C GLY A 379 16.52 30.29 6.27
N SER A 380 17.29 30.87 7.21
CA SER A 380 18.75 30.86 7.11
C SER A 380 19.28 29.55 7.68
N GLY A 381 20.59 29.50 7.91
CA GLY A 381 21.27 28.30 8.35
C GLY A 381 21.40 28.12 9.85
N LYS A 382 20.77 28.97 10.65
CA LYS A 382 20.85 28.80 12.10
C LYS A 382 20.32 27.43 12.52
N SER A 383 19.23 26.98 11.91
CA SER A 383 18.79 25.60 12.09
C SER A 383 19.88 24.63 11.66
N THR A 384 20.49 24.88 10.49
CA THR A 384 21.54 24.02 9.99
C THR A 384 22.65 23.86 11.02
N ILE A 385 23.05 24.96 11.67
CA ILE A 385 24.08 24.89 12.70
C ILE A 385 23.72 23.85 13.75
N ALA A 386 22.48 23.92 14.25
CA ALA A 386 22.05 22.99 15.29
C ALA A 386 22.12 21.55 14.78
N SER A 387 21.77 21.32 13.52
CA SER A 387 21.81 19.97 12.95
C SER A 387 23.22 19.41 12.95
N LEU A 388 24.23 20.26 12.78
CA LEU A 388 25.59 19.79 12.53
C LEU A 388 26.27 19.24 13.79
N ILE A 389 25.89 19.72 14.97
CA ILE A 389 26.55 19.28 16.19
C ILE A 389 26.18 17.84 16.51
N THR A 390 25.02 17.37 16.05
CA THR A 390 24.59 16.00 16.26
C THR A 390 25.09 15.05 15.19
N ARG A 391 25.80 15.55 14.18
CA ARG A 391 26.34 14.75 13.08
C ARG A 391 25.24 14.24 12.14
N PHE A 392 24.04 14.80 12.19
CA PHE A 392 23.06 14.47 11.16
C PHE A 392 23.64 14.69 9.78
N TYR A 393 24.51 15.70 9.63
CA TYR A 393 25.21 15.97 8.39
C TYR A 393 26.66 16.29 8.67
N ASP A 394 27.56 15.75 7.85
CA ASP A 394 28.98 16.07 7.95
C ASP A 394 29.28 17.35 7.19
N ILE A 395 30.00 18.26 7.84
CA ILE A 395 30.37 19.50 7.17
C ILE A 395 31.30 19.19 5.99
N ASP A 396 31.37 20.14 5.06
CA ASP A 396 32.22 20.00 3.88
C ASP A 396 33.64 20.48 4.15
N GLU A 397 33.78 21.67 4.73
CA GLU A 397 35.09 22.24 5.02
C GLU A 397 35.09 22.77 6.44
N GLY A 398 36.25 22.68 7.09
CA GLY A 398 36.40 23.18 8.44
C GLY A 398 36.41 22.09 9.49
N GLU A 399 35.85 22.39 10.65
CA GLU A 399 35.89 21.47 11.78
C GLU A 399 35.00 22.01 12.90
N ILE A 400 34.28 21.11 13.56
CA ILE A 400 33.47 21.45 14.73
C ILE A 400 34.05 20.67 15.91
N LEU A 401 34.46 21.40 16.94
CA LEU A 401 35.17 20.81 18.07
C LEU A 401 34.23 20.63 19.26
N MET A 402 34.33 19.46 19.90
CA MET A 402 33.70 19.23 21.20
C MET A 402 34.81 18.91 22.19
N ASP A 403 35.01 19.79 23.16
CA ASP A 403 36.07 19.64 24.16
C ASP A 403 37.43 19.42 23.48
N GLY A 404 37.70 20.23 22.46
CA GLY A 404 38.99 20.20 21.80
C GLY A 404 39.21 19.07 20.83
N HIS A 405 38.14 18.50 20.26
CA HIS A 405 38.27 17.37 19.34
C HIS A 405 37.13 17.40 18.34
N ASP A 406 37.47 17.13 17.08
CA ASP A 406 36.47 17.17 16.02
C ASP A 406 35.36 16.16 16.31
N LEU A 407 34.11 16.56 16.07
CA LEU A 407 32.99 15.67 16.32
C LEU A 407 33.20 14.33 15.65
N ARG A 408 33.77 14.34 14.44
CA ARG A 408 33.97 13.11 13.69
C ARG A 408 35.01 12.20 14.32
N GLU A 409 35.86 12.73 15.21
CA GLU A 409 36.70 11.88 16.04
C GLU A 409 35.89 11.06 17.04
N TYR A 410 34.70 11.53 17.41
CA TYR A 410 33.91 10.87 18.42
C TYR A 410 33.02 9.78 17.80
N THR A 411 32.71 8.78 18.61
CA THR A 411 31.65 7.84 18.27
C THR A 411 30.31 8.58 18.25
N LEU A 412 29.51 8.33 17.20
CA LEU A 412 28.21 9.00 17.12
C LEU A 412 27.39 8.74 18.38
N ALA A 413 27.46 7.51 18.91
CA ALA A 413 26.76 7.20 20.15
C ALA A 413 27.20 8.12 21.29
N SER A 414 28.51 8.20 21.54
CA SER A 414 28.99 9.06 22.63
C SER A 414 28.75 10.53 22.31
N LEU A 415 29.02 10.94 21.07
CA LEU A 415 28.78 12.33 20.69
C LEU A 415 27.34 12.73 20.94
N ARG A 416 26.39 11.84 20.63
CA ARG A 416 24.98 12.18 20.71
C ARG A 416 24.41 12.04 22.10
N ASN A 417 25.06 11.30 22.99
CA ASN A 417 24.66 11.31 24.39
C ASN A 417 25.02 12.63 25.07
N GLN A 418 25.94 13.40 24.47
CA GLN A 418 26.29 14.70 25.01
C GLN A 418 25.22 15.74 24.71
N VAL A 419 24.46 15.55 23.65
CA VAL A 419 23.57 16.59 23.11
C VAL A 419 22.14 16.29 23.52
N ALA A 420 21.48 17.28 24.11
CA ALA A 420 20.06 17.24 24.39
C ALA A 420 19.34 18.20 23.45
N LEU A 421 18.24 17.75 22.87
CA LEU A 421 17.44 18.58 21.97
C LEU A 421 16.10 18.88 22.60
N VAL A 422 15.78 20.16 22.69
CA VAL A 422 14.48 20.64 23.19
C VAL A 422 13.84 21.46 22.07
N SER A 423 12.65 21.04 21.66
CA SER A 423 11.88 21.78 20.66
C SER A 423 10.44 21.34 20.77
N GLN A 424 9.57 22.07 20.08
CA GLN A 424 8.15 21.73 20.12
C GLN A 424 7.85 20.50 19.27
N ASN A 425 8.68 20.23 18.27
CA ASN A 425 8.44 19.13 17.33
C ASN A 425 9.07 17.82 17.77
N VAL A 426 9.48 17.71 19.04
CA VAL A 426 9.98 16.44 19.57
C VAL A 426 8.95 15.36 19.27
N HIS A 427 9.42 14.13 19.06
CA HIS A 427 8.52 13.01 18.84
C HIS A 427 8.09 12.40 20.16
N LEU A 428 6.79 12.12 20.27
CA LEU A 428 6.23 11.45 21.45
C LEU A 428 5.96 10.00 21.07
N PHE A 429 6.85 9.11 21.48
CA PHE A 429 6.63 7.68 21.25
C PHE A 429 5.37 7.23 21.98
N ASN A 430 4.52 6.47 21.30
CA ASN A 430 3.26 6.06 21.90
C ASN A 430 3.56 5.08 23.03
N ASP A 431 3.42 5.57 24.26
CA ASP A 431 3.85 4.87 25.46
C ASP A 431 3.55 5.79 26.64
N THR A 432 3.92 5.39 27.86
CA THR A 432 3.56 6.18 29.03
C THR A 432 4.35 7.50 29.05
N VAL A 433 3.80 8.47 29.77
CA VAL A 433 4.50 9.74 29.95
C VAL A 433 5.84 9.50 30.62
N ALA A 434 5.83 8.71 31.70
CA ALA A 434 7.07 8.38 32.40
C ALA A 434 8.10 7.81 31.44
N ASN A 435 7.68 6.83 30.62
CA ASN A 435 8.61 6.21 29.68
C ASN A 435 8.95 7.12 28.51
N ASN A 436 8.13 8.14 28.24
CA ASN A 436 8.53 9.16 27.29
C ASN A 436 9.58 10.09 27.89
N ILE A 437 9.48 10.37 29.19
CA ILE A 437 10.45 11.22 29.86
C ILE A 437 11.77 10.48 30.05
N ALA A 438 11.72 9.15 30.17
CA ALA A 438 12.93 8.34 30.29
C ALA A 438 13.05 7.41 29.09
N TYR A 439 12.97 7.97 27.88
CA TYR A 439 12.78 7.22 26.65
C TYR A 439 13.54 5.90 26.62
N ALA A 440 14.87 5.96 26.45
CA ALA A 440 15.67 4.76 26.25
C ALA A 440 16.38 4.31 27.52
N ARG A 441 16.02 4.83 28.68
CA ARG A 441 16.72 4.55 29.93
C ARG A 441 15.75 4.25 31.05
N THR A 442 14.65 3.56 30.74
CA THR A 442 13.67 3.22 31.76
C THR A 442 14.29 2.38 32.87
N GLU A 443 15.34 1.62 32.56
CA GLU A 443 16.01 0.79 33.55
C GLU A 443 16.95 1.58 34.44
N GLN A 444 17.43 2.75 34.00
CA GLN A 444 18.49 3.47 34.69
C GLN A 444 17.97 4.52 35.65
N TYR A 445 16.74 4.99 35.49
CA TYR A 445 16.21 6.10 36.28
C TYR A 445 15.03 5.62 37.11
N SER A 446 15.08 5.92 38.41
CA SER A 446 14.02 5.52 39.33
C SER A 446 12.75 6.32 39.08
N ARG A 447 11.69 5.92 39.76
CA ARG A 447 10.44 6.65 39.67
C ARG A 447 10.57 8.05 40.27
N GLU A 448 11.10 8.13 41.49
CA GLU A 448 11.31 9.43 42.12
C GLU A 448 12.17 10.33 41.24
N GLN A 449 13.15 9.75 40.52
CA GLN A 449 13.95 10.53 39.59
C GLN A 449 13.10 11.09 38.46
N ILE A 450 12.18 10.28 37.93
CA ILE A 450 11.31 10.74 36.84
C ILE A 450 10.31 11.76 37.36
N GLU A 451 9.80 11.56 38.58
CA GLU A 451 8.76 12.42 39.11
C GLU A 451 9.25 13.87 39.25
N GLU A 452 10.48 14.05 39.74
CA GLU A 452 10.99 15.41 39.94
C GLU A 452 11.34 16.06 38.61
N ALA A 453 11.77 15.29 37.62
CA ALA A 453 12.11 15.87 36.32
C ALA A 453 10.89 16.53 35.69
N ALA A 454 9.73 15.86 35.77
CA ALA A 454 8.50 16.47 35.27
C ALA A 454 8.11 17.67 36.11
N ARG A 455 8.28 17.57 37.43
CA ARG A 455 7.99 18.70 38.31
C ARG A 455 8.86 19.90 37.97
N MET A 456 10.18 19.69 37.86
CA MET A 456 11.09 20.79 37.56
C MET A 456 10.89 21.33 36.15
N ALA A 457 10.28 20.55 35.26
CA ALA A 457 9.92 21.03 33.93
C ALA A 457 8.58 21.75 33.92
N TYR A 458 7.92 21.90 35.08
CA TYR A 458 6.65 22.61 35.19
C TYR A 458 5.56 21.96 34.33
N ALA A 459 5.64 20.64 34.16
CA ALA A 459 4.70 19.90 33.34
C ALA A 459 3.58 19.24 34.13
N MET A 460 3.66 19.25 35.47
CA MET A 460 2.74 18.43 36.25
C MET A 460 1.33 18.96 36.27
N ASP A 461 1.12 20.24 35.97
CA ASP A 461 -0.25 20.74 35.91
C ASP A 461 -1.06 19.96 34.88
N PHE A 462 -0.53 19.82 33.65
CA PHE A 462 -1.26 19.11 32.62
C PHE A 462 -1.10 17.61 32.74
N ILE A 463 -0.09 17.12 33.46
CA ILE A 463 -0.01 15.68 33.72
C ILE A 463 -1.00 15.29 34.80
N ASN A 464 -1.13 16.10 35.86
CA ASN A 464 -2.06 15.77 36.93
C ASN A 464 -3.51 15.82 36.46
N LYS A 465 -3.79 16.39 35.28
CA LYS A 465 -5.12 16.38 34.71
C LYS A 465 -5.37 15.17 33.82
N MET A 466 -4.35 14.35 33.57
CA MET A 466 -4.51 13.19 32.71
C MET A 466 -5.46 12.18 33.34
N ASP A 467 -5.90 11.21 32.53
CA ASP A 467 -6.76 10.15 33.04
C ASP A 467 -6.09 9.40 34.18
N ASN A 468 -4.97 8.72 33.89
CA ASN A 468 -4.16 8.07 34.91
C ASN A 468 -2.99 8.96 35.36
N GLY A 469 -3.07 10.26 35.11
CA GLY A 469 -1.97 11.14 35.51
C GLY A 469 -0.71 10.83 34.75
N LEU A 470 0.36 10.57 35.50
CA LEU A 470 1.68 10.38 34.90
C LEU A 470 1.80 9.07 34.16
N ASP A 471 0.99 8.06 34.54
CA ASP A 471 1.00 6.78 33.84
C ASP A 471 -0.02 6.72 32.70
N THR A 472 -0.68 7.83 32.39
CA THR A 472 -1.49 7.90 31.18
C THR A 472 -0.61 7.66 29.96
N VAL A 473 -1.19 7.05 28.94
CA VAL A 473 -0.47 6.71 27.72
C VAL A 473 -0.64 7.89 26.76
N ILE A 474 0.38 8.75 26.71
CA ILE A 474 0.46 9.73 25.63
C ILE A 474 0.96 9.04 24.37
N GLY A 475 0.74 9.70 23.24
CA GLY A 475 1.17 9.11 21.98
C GLY A 475 0.01 8.94 21.02
N GLU A 476 -0.18 7.73 20.51
CA GLU A 476 -1.04 7.53 19.36
C GLU A 476 -0.74 8.62 18.33
N ASN A 477 0.55 8.89 18.17
CA ASN A 477 1.08 9.94 17.31
C ASN A 477 0.78 11.34 17.84
N GLY A 478 0.56 11.46 19.15
CA GLY A 478 0.69 12.72 19.85
C GLY A 478 -0.56 13.56 19.98
N VAL A 479 -1.75 13.01 19.71
CA VAL A 479 -2.96 13.82 19.74
C VAL A 479 -3.17 14.39 21.14
N LEU A 480 -2.81 13.63 22.17
CA LEU A 480 -3.21 13.99 23.53
C LEU A 480 -2.47 15.21 24.07
N LEU A 481 -1.37 15.62 23.44
CA LEU A 481 -0.53 16.69 23.97
C LEU A 481 -0.46 17.86 22.99
N SER A 482 -0.69 19.07 23.51
CA SER A 482 -0.56 20.29 22.74
C SER A 482 0.91 20.69 22.62
N GLY A 483 1.16 21.67 21.76
CA GLY A 483 2.54 22.08 21.50
C GLY A 483 3.23 22.63 22.73
N GLY A 484 2.54 23.53 23.46
CA GLY A 484 3.10 24.05 24.69
C GLY A 484 3.40 22.99 25.71
N GLN A 485 2.71 21.86 25.64
CA GLN A 485 2.96 20.73 26.54
C GLN A 485 4.05 19.81 26.04
N ARG A 486 4.33 19.79 24.73
CA ARG A 486 5.43 18.98 24.21
C ARG A 486 6.76 19.50 24.71
N GLN A 487 6.97 20.83 24.66
CA GLN A 487 8.23 21.41 25.11
C GLN A 487 8.56 20.96 26.53
N ARG A 488 7.59 21.07 27.43
CA ARG A 488 7.85 20.75 28.83
C ARG A 488 8.20 19.27 29.01
N ILE A 489 7.67 18.40 28.16
CA ILE A 489 8.10 17.01 28.18
C ILE A 489 9.50 16.89 27.61
N ALA A 490 9.79 17.62 26.53
CA ALA A 490 11.16 17.66 26.00
C ALA A 490 12.12 18.20 27.05
N ILE A 491 11.68 19.18 27.83
CA ILE A 491 12.51 19.71 28.90
C ILE A 491 12.67 18.69 30.01
N ALA A 492 11.61 17.92 30.29
CA ALA A 492 11.71 16.89 31.32
C ALA A 492 12.71 15.81 30.93
N ARG A 493 12.80 15.48 29.65
CA ARG A 493 13.81 14.53 29.18
C ARG A 493 15.22 15.07 29.45
N ALA A 494 15.44 16.36 29.19
CA ALA A 494 16.80 16.91 29.27
C ALA A 494 17.24 17.09 30.71
N LEU A 495 16.32 17.49 31.59
CA LEU A 495 16.65 17.60 33.00
C LEU A 495 17.08 16.25 33.56
N LEU A 496 16.31 15.21 33.25
CA LEU A 496 16.61 13.88 33.77
C LEU A 496 18.01 13.42 33.34
N ARG A 497 18.25 13.38 32.03
CA ARG A 497 19.55 12.94 31.53
C ARG A 497 20.66 13.91 31.92
N ASP A 498 20.35 15.20 32.03
CA ASP A 498 21.34 16.21 32.40
C ASP A 498 22.51 16.21 31.41
N SER A 499 22.18 16.33 30.13
CA SER A 499 23.21 16.35 29.10
C SER A 499 23.99 17.66 29.18
N PRO A 500 25.29 17.63 28.85
CA PRO A 500 26.13 18.83 28.98
C PRO A 500 25.97 19.85 27.86
N ILE A 501 25.34 19.49 26.74
CA ILE A 501 25.17 20.40 25.62
C ILE A 501 23.70 20.43 25.24
N LEU A 502 23.09 21.61 25.34
CA LEU A 502 21.68 21.79 25.02
C LEU A 502 21.54 22.43 23.65
N ILE A 503 20.62 21.92 22.86
CA ILE A 503 20.17 22.56 21.63
C ILE A 503 18.70 22.90 21.83
N LEU A 504 18.39 24.20 21.91
CA LEU A 504 17.04 24.66 22.17
C LEU A 504 16.51 25.36 20.93
N ASP A 505 15.37 24.88 20.41
CA ASP A 505 14.75 25.42 19.21
C ASP A 505 13.40 26.01 19.58
N GLU A 506 13.37 27.35 19.71
CA GLU A 506 12.12 28.07 19.88
C GLU A 506 11.51 28.50 18.55
N ALA A 507 12.24 28.33 17.44
CA ALA A 507 11.70 28.70 16.13
C ALA A 507 10.30 28.12 15.94
N THR A 508 10.19 26.79 16.04
CA THR A 508 8.89 26.12 15.92
C THR A 508 8.10 26.15 17.22
N SER A 509 8.69 26.61 18.32
CA SER A 509 7.97 26.68 19.58
C SER A 509 6.84 27.71 19.50
N ALA A 510 5.83 27.51 20.35
CA ALA A 510 4.67 28.40 20.43
C ALA A 510 4.77 29.18 21.74
N LEU A 511 4.98 30.48 21.63
CA LEU A 511 4.89 31.37 22.78
C LEU A 511 3.45 31.68 23.14
N ASP A 512 2.51 31.40 22.24
CA ASP A 512 1.07 31.51 22.52
C ASP A 512 0.65 30.28 23.33
N THR A 513 0.99 30.31 24.62
CA THR A 513 0.65 29.23 25.53
C THR A 513 0.13 29.84 26.82
N GLU A 514 -1.04 29.35 27.28
CA GLU A 514 -1.61 29.85 28.52
C GLU A 514 -0.58 29.84 29.64
N SER A 515 0.30 28.83 29.65
CA SER A 515 1.42 28.75 30.57
C SER A 515 2.70 28.87 29.76
N GLU A 516 3.20 30.11 29.62
CA GLU A 516 4.53 30.33 29.09
C GLU A 516 5.50 30.90 30.13
N ARG A 517 4.99 31.58 31.16
CA ARG A 517 5.86 31.92 32.28
C ARG A 517 6.39 30.68 32.96
N ALA A 518 5.62 29.59 32.94
CA ALA A 518 6.10 28.32 33.45
C ALA A 518 7.10 27.66 32.50
N ILE A 519 6.92 27.85 31.18
CA ILE A 519 7.92 27.37 30.24
C ILE A 519 9.20 28.19 30.37
N GLN A 520 9.08 29.48 30.68
CA GLN A 520 10.27 30.30 30.85
C GLN A 520 11.03 29.94 32.12
N ALA A 521 10.32 29.55 33.19
CA ALA A 521 10.99 29.13 34.41
C ALA A 521 11.69 27.80 34.21
N ALA A 522 11.06 26.86 33.50
CA ALA A 522 11.71 25.58 33.22
C ALA A 522 12.98 25.77 32.41
N LEU A 523 12.94 26.67 31.41
CA LEU A 523 14.12 26.93 30.60
C LEU A 523 15.24 27.53 31.45
N ASP A 524 14.90 28.48 32.33
CA ASP A 524 15.91 29.07 33.20
C ASP A 524 16.62 27.99 34.01
N GLU A 525 15.85 27.12 34.66
CA GLU A 525 16.44 26.07 35.49
C GLU A 525 17.22 25.07 34.64
N LEU A 526 16.82 24.87 33.38
CA LEU A 526 17.47 23.86 32.55
C LEU A 526 18.89 24.27 32.19
N GLN A 527 19.11 25.55 31.88
CA GLN A 527 20.37 25.99 31.30
C GLN A 527 21.27 26.71 32.29
N LYS A 528 20.89 26.78 33.57
CA LYS A 528 21.83 27.24 34.58
C LYS A 528 23.17 26.53 34.43
N ASN A 529 23.12 25.24 34.14
CA ASN A 529 24.27 24.37 34.32
C ASN A 529 25.17 24.30 33.10
N ARG A 530 24.60 24.24 31.90
CA ARG A 530 25.32 23.69 30.76
C ARG A 530 25.39 24.66 29.59
N THR A 531 26.34 24.36 28.70
CA THR A 531 26.41 24.98 27.39
C THR A 531 25.06 24.90 26.68
N SER A 532 24.67 26.02 26.06
CA SER A 532 23.40 26.07 25.35
C SER A 532 23.59 26.75 24.01
N LEU A 533 22.80 26.32 23.04
CA LEU A 533 22.80 26.86 21.67
C LEU A 533 21.33 27.04 21.31
N VAL A 534 20.87 28.28 21.38
CA VAL A 534 19.46 28.59 21.22
C VAL A 534 19.23 29.17 19.84
N ILE A 535 18.31 28.56 19.08
CA ILE A 535 17.73 29.20 17.90
C ILE A 535 16.63 30.10 18.42
N ALA A 536 17.03 31.24 18.98
CA ALA A 536 16.16 31.99 19.89
C ALA A 536 15.05 32.72 19.15
N HIS A 537 13.90 32.82 19.82
CA HIS A 537 12.79 33.63 19.33
C HIS A 537 12.01 34.27 20.47
N ARG A 538 12.47 34.15 21.72
CA ARG A 538 11.76 34.67 22.88
C ARG A 538 12.49 35.85 23.48
N LEU A 539 11.72 36.79 24.03
CA LEU A 539 12.32 37.89 24.78
C LEU A 539 13.18 37.38 25.93
N SER A 540 12.73 36.32 26.59
CA SER A 540 13.38 35.88 27.82
C SER A 540 14.79 35.38 27.57
N THR A 541 14.96 34.56 26.52
CA THR A 541 16.26 33.95 26.28
C THR A 541 17.27 34.94 25.71
N ILE A 542 16.86 35.76 24.75
CA ILE A 542 17.76 36.79 24.24
C ILE A 542 18.09 37.80 25.32
N GLU A 543 17.18 37.98 26.29
CA GLU A 543 17.48 38.86 27.42
C GLU A 543 18.66 38.35 28.22
N LYS A 544 18.65 37.07 28.59
CA LYS A 544 19.66 36.49 29.46
C LYS A 544 20.83 35.87 28.72
N ALA A 545 20.72 35.68 27.40
CA ALA A 545 21.79 35.04 26.64
C ALA A 545 23.12 35.73 26.89
N ASP A 546 24.19 34.93 26.92
CA ASP A 546 25.52 35.48 27.11
C ASP A 546 26.03 36.16 25.84
N GLU A 547 25.83 35.52 24.70
CA GLU A 547 26.23 36.08 23.42
C GLU A 547 25.07 35.93 22.44
N ILE A 548 24.86 36.95 21.61
CA ILE A 548 23.87 36.90 20.54
C ILE A 548 24.61 37.06 19.22
N VAL A 549 24.42 36.11 18.31
CA VAL A 549 25.03 36.17 16.99
C VAL A 549 23.92 36.30 15.97
N VAL A 550 24.08 37.23 15.03
CA VAL A 550 23.11 37.47 13.96
C VAL A 550 23.60 36.74 12.72
N VAL A 551 22.70 35.98 12.08
CA VAL A 551 23.05 35.17 10.93
C VAL A 551 22.18 35.58 9.75
N GLU A 552 22.81 35.79 8.59
CA GLU A 552 22.10 35.97 7.33
C GLU A 552 22.90 35.29 6.23
N ASP A 553 22.21 34.50 5.41
CA ASP A 553 22.83 33.81 4.28
C ASP A 553 24.01 32.96 4.73
N GLY A 554 23.86 32.30 5.88
CA GLY A 554 24.91 31.44 6.39
C GLY A 554 26.21 32.15 6.71
N VAL A 555 26.12 33.39 7.18
CA VAL A 555 27.28 34.17 7.60
C VAL A 555 26.94 34.88 8.90
N ILE A 556 27.89 34.92 9.82
CA ILE A 556 27.73 35.64 11.08
C ILE A 556 28.20 37.06 10.86
N VAL A 557 27.26 38.01 10.79
CA VAL A 557 27.61 39.39 10.46
C VAL A 557 27.78 40.28 11.68
N GLU A 558 27.23 39.91 12.83
CA GLU A 558 27.40 40.69 14.06
C GLU A 558 27.30 39.79 15.27
N ARG A 559 28.28 39.90 16.16
CA ARG A 559 28.33 39.15 17.41
C ARG A 559 28.40 40.14 18.58
N GLY A 560 27.63 39.89 19.62
CA GLY A 560 27.70 40.73 20.80
C GLY A 560 26.59 40.42 21.77
N THR A 561 26.67 41.11 22.91
CA THR A 561 25.63 41.01 23.93
C THR A 561 24.40 41.82 23.51
N HIS A 562 23.26 41.46 24.10
CA HIS A 562 22.02 42.14 23.76
C HIS A 562 22.13 43.64 23.97
N ASN A 563 22.66 44.05 25.12
CA ASN A 563 22.78 45.48 25.39
C ASN A 563 23.86 46.11 24.52
N ASP A 564 25.03 45.48 24.42
CA ASP A 564 26.13 46.06 23.65
C ASP A 564 25.73 46.27 22.20
N LEU A 565 25.06 45.29 21.60
CA LEU A 565 24.62 45.44 20.21
C LEU A 565 23.57 46.53 20.06
N LEU A 566 22.81 46.81 21.13
CA LEU A 566 21.85 47.91 21.08
C LEU A 566 22.52 49.26 21.27
N GLU A 567 23.51 49.35 22.17
CA GLU A 567 24.38 50.51 22.18
C GLU A 567 25.01 50.70 20.81
N HIS A 568 25.66 49.65 20.31
CA HIS A 568 26.11 49.61 18.91
C HIS A 568 24.98 50.02 17.97
N ARG A 569 23.80 49.43 18.16
CA ARG A 569 22.60 49.79 17.41
C ARG A 569 22.84 49.75 15.91
N GLY A 570 23.37 48.61 15.44
CA GLY A 570 23.56 48.39 14.02
C GLY A 570 22.52 47.46 13.44
N VAL A 571 22.95 46.28 12.98
CA VAL A 571 22.02 45.30 12.42
C VAL A 571 21.12 44.74 13.50
N TYR A 572 21.66 44.47 14.68
CA TYR A 572 20.85 43.91 15.75
C TYR A 572 19.67 44.82 16.08
N ALA A 573 19.94 46.13 16.20
CA ALA A 573 18.86 47.07 16.51
C ALA A 573 17.80 47.07 15.40
N GLN A 574 18.23 46.93 14.15
CA GLN A 574 17.26 46.80 13.06
C GLN A 574 16.30 45.65 13.33
N LEU A 575 16.84 44.49 13.71
CA LEU A 575 15.98 43.36 14.06
C LEU A 575 15.13 43.68 15.28
N HIS A 576 15.70 44.38 16.26
CA HIS A 576 14.92 44.83 17.40
C HIS A 576 13.75 45.70 16.96
N LYS A 577 13.99 46.58 15.97
CA LYS A 577 12.91 47.39 15.42
C LYS A 577 11.94 46.53 14.61
N MET A 578 12.47 45.54 13.90
CA MET A 578 11.61 44.68 13.08
C MET A 578 10.77 43.74 13.95
N GLN A 579 11.38 43.16 14.99
CA GLN A 579 10.63 42.34 15.95
C GLN A 579 10.72 42.94 17.35
N LEU B 7 -32.25 -11.17 2.36
CA LEU B 7 -33.10 -10.11 1.82
C LEU B 7 -32.25 -9.01 1.18
N SER B 8 -31.30 -8.47 1.95
CA SER B 8 -30.42 -7.45 1.42
C SER B 8 -29.52 -8.00 0.32
N THR B 9 -28.84 -9.11 0.61
CA THR B 9 -27.91 -9.74 -0.32
C THR B 9 -28.47 -9.81 -1.74
N TRP B 10 -29.77 -10.10 -1.86
CA TRP B 10 -30.40 -10.21 -3.17
C TRP B 10 -30.99 -8.91 -3.65
N GLN B 11 -31.44 -8.04 -2.73
CA GLN B 11 -31.97 -6.74 -3.14
C GLN B 11 -30.88 -5.86 -3.75
N THR B 12 -29.65 -5.97 -3.24
CA THR B 12 -28.53 -5.22 -3.84
C THR B 12 -28.31 -5.67 -5.28
N PHE B 13 -28.25 -6.98 -5.51
CA PHE B 13 -28.03 -7.47 -6.87
C PHE B 13 -29.08 -6.91 -7.83
N ARG B 14 -30.32 -6.76 -7.36
CA ARG B 14 -31.36 -6.24 -8.23
C ARG B 14 -31.25 -4.73 -8.44
N ARG B 15 -30.64 -4.01 -7.51
CA ARG B 15 -30.19 -2.65 -7.80
C ARG B 15 -29.04 -2.65 -8.79
N LEU B 16 -28.30 -3.75 -8.89
CA LEU B 16 -27.17 -3.86 -9.80
C LEU B 16 -27.55 -4.41 -11.15
N TRP B 17 -28.55 -5.29 -11.22
CA TRP B 17 -28.92 -5.89 -12.50
C TRP B 17 -29.14 -4.87 -13.60
N PRO B 18 -29.82 -3.75 -13.37
CA PRO B 18 -29.98 -2.75 -14.45
C PRO B 18 -28.68 -2.37 -15.13
N THR B 19 -27.59 -2.25 -14.36
CA THR B 19 -26.28 -2.00 -14.97
C THR B 19 -25.82 -3.18 -15.80
N ILE B 20 -26.20 -4.40 -15.43
CA ILE B 20 -25.78 -5.59 -16.16
C ILE B 20 -26.68 -5.88 -17.36
N ALA B 21 -27.96 -5.55 -17.26
CA ALA B 21 -28.93 -5.99 -18.27
C ALA B 21 -28.55 -5.62 -19.69
N PRO B 22 -27.95 -4.45 -19.97
CA PRO B 22 -27.52 -4.16 -21.35
C PRO B 22 -26.57 -5.19 -21.93
N PHE B 23 -26.02 -6.09 -21.11
CA PHE B 23 -25.05 -7.08 -21.57
C PHE B 23 -25.49 -8.51 -21.32
N LYS B 24 -26.74 -8.73 -20.87
CA LYS B 24 -27.22 -10.10 -20.69
C LYS B 24 -26.99 -10.93 -21.93
N ALA B 25 -26.91 -10.30 -23.10
CA ALA B 25 -26.64 -11.03 -24.33
C ALA B 25 -25.33 -11.81 -24.26
N GLY B 26 -24.37 -11.34 -23.48
CA GLY B 26 -23.13 -12.08 -23.31
C GLY B 26 -23.23 -13.20 -22.29
N LEU B 27 -24.13 -13.07 -21.32
CA LEU B 27 -24.21 -14.08 -20.25
C LEU B 27 -24.82 -15.38 -20.76
N ILE B 28 -25.88 -15.30 -21.57
CA ILE B 28 -26.53 -16.52 -22.04
C ILE B 28 -25.62 -17.28 -23.00
N VAL B 29 -24.92 -16.56 -23.88
CA VAL B 29 -23.98 -17.22 -24.77
C VAL B 29 -22.89 -17.92 -23.96
N ALA B 30 -22.39 -17.25 -22.92
CA ALA B 30 -21.50 -17.92 -21.98
C ALA B 30 -22.19 -19.12 -21.35
N GLY B 31 -23.45 -18.96 -20.96
CA GLY B 31 -24.16 -20.03 -20.27
C GLY B 31 -24.18 -21.31 -21.06
N VAL B 32 -24.49 -21.22 -22.36
CA VAL B 32 -24.54 -22.42 -23.19
C VAL B 32 -23.13 -22.97 -23.39
N ALA B 33 -22.14 -22.08 -23.54
CA ALA B 33 -20.76 -22.54 -23.67
C ALA B 33 -20.33 -23.33 -22.44
N LEU B 34 -20.81 -22.93 -21.26
CA LEU B 34 -20.52 -23.70 -20.06
C LEU B 34 -21.20 -25.06 -20.10
N ILE B 35 -22.47 -25.10 -20.53
CA ILE B 35 -23.24 -26.35 -20.52
C ILE B 35 -22.56 -27.40 -21.39
N LEU B 36 -22.17 -27.02 -22.60
CA LEU B 36 -21.51 -27.96 -23.51
C LEU B 36 -20.14 -28.39 -23.01
N ASN B 37 -19.49 -27.58 -22.17
CA ASN B 37 -18.20 -27.97 -21.63
C ASN B 37 -18.34 -29.12 -20.64
N ALA B 38 -19.32 -29.02 -19.73
CA ALA B 38 -19.57 -30.11 -18.80
C ALA B 38 -19.90 -31.40 -19.54
N ALA B 39 -20.70 -31.31 -20.59
CA ALA B 39 -21.06 -32.49 -21.37
C ALA B 39 -19.82 -33.13 -22.00
N SER B 40 -18.98 -32.31 -22.65
CA SER B 40 -17.76 -32.85 -23.25
C SER B 40 -16.89 -33.56 -22.23
N ASP B 41 -16.79 -33.02 -21.02
CA ASP B 41 -16.05 -33.70 -19.97
C ASP B 41 -16.79 -34.95 -19.50
N THR B 42 -18.12 -34.96 -19.60
CA THR B 42 -18.88 -36.14 -19.22
C THR B 42 -18.82 -37.21 -20.32
N PHE B 43 -18.74 -36.80 -21.58
CA PHE B 43 -18.65 -37.76 -22.67
C PHE B 43 -17.33 -38.51 -22.69
N MET B 44 -16.30 -37.99 -22.04
CA MET B 44 -15.00 -38.65 -22.04
C MET B 44 -14.90 -39.70 -20.94
N LEU B 45 -15.52 -39.45 -19.78
CA LEU B 45 -15.70 -40.53 -18.81
C LEU B 45 -16.63 -41.61 -19.36
N SER B 46 -17.54 -41.24 -20.26
CA SER B 46 -18.39 -42.22 -20.91
C SER B 46 -17.56 -43.18 -21.75
N LEU B 47 -16.74 -42.64 -22.65
CA LEU B 47 -15.90 -43.47 -23.52
C LEU B 47 -15.01 -44.42 -22.75
N LEU B 48 -14.78 -44.15 -21.46
CA LEU B 48 -13.88 -44.97 -20.67
C LEU B 48 -14.32 -46.43 -20.65
N LYS B 49 -15.63 -46.69 -20.74
CA LYS B 49 -16.11 -48.07 -20.75
C LYS B 49 -15.84 -48.75 -22.09
N PRO B 50 -16.19 -48.17 -23.24
CA PRO B 50 -15.84 -48.82 -24.51
C PRO B 50 -14.35 -49.06 -24.72
N LEU B 51 -13.48 -48.25 -24.12
CA LEU B 51 -12.05 -48.50 -24.26
C LEU B 51 -11.62 -49.74 -23.49
N LEU B 52 -12.23 -49.99 -22.34
CA LEU B 52 -11.83 -51.12 -21.49
C LEU B 52 -12.52 -52.41 -21.92
N ASP B 53 -13.86 -52.43 -21.88
CA ASP B 53 -14.59 -53.65 -22.21
C ASP B 53 -14.51 -53.97 -23.70
N ASP B 54 -15.02 -53.06 -24.54
CA ASP B 54 -14.96 -53.29 -25.98
C ASP B 54 -13.52 -53.27 -26.49
N GLY B 55 -12.69 -52.37 -25.97
CA GLY B 55 -11.32 -52.30 -26.44
C GLY B 55 -10.55 -53.59 -26.19
N PHE B 56 -10.84 -54.26 -25.07
CA PHE B 56 -10.16 -55.50 -24.71
C PHE B 56 -11.15 -56.65 -24.57
N GLY B 57 -12.29 -56.54 -25.26
CA GLY B 57 -13.13 -57.70 -25.52
C GLY B 57 -12.76 -58.27 -26.88
N LYS B 58 -11.48 -58.15 -27.23
CA LYS B 58 -10.94 -58.64 -28.51
C LYS B 58 -11.50 -57.83 -29.68
N THR B 59 -11.38 -56.51 -29.59
CA THR B 59 -11.84 -55.61 -30.64
C THR B 59 -10.87 -54.43 -30.70
N ASP B 60 -9.80 -54.58 -31.49
CA ASP B 60 -8.97 -53.44 -31.83
C ASP B 60 -9.71 -52.45 -32.71
N ARG B 61 -10.94 -52.76 -33.11
CA ARG B 61 -11.76 -51.80 -33.84
C ARG B 61 -12.00 -50.55 -33.01
N SER B 62 -12.25 -50.72 -31.71
CA SER B 62 -12.59 -49.59 -30.85
C SER B 62 -11.36 -48.79 -30.45
N VAL B 63 -10.26 -49.48 -30.11
CA VAL B 63 -9.08 -48.78 -29.61
C VAL B 63 -8.41 -47.96 -30.71
N LEU B 64 -8.66 -48.27 -31.98
CA LEU B 64 -8.09 -47.52 -33.09
C LEU B 64 -9.04 -46.47 -33.65
N VAL B 65 -10.31 -46.82 -33.85
CA VAL B 65 -11.28 -45.94 -34.46
C VAL B 65 -11.99 -45.11 -33.39
N TRP B 66 -12.81 -45.77 -32.59
CA TRP B 66 -13.63 -45.09 -31.59
C TRP B 66 -12.86 -44.03 -30.80
N MET B 67 -11.75 -44.43 -30.19
CA MET B 67 -11.16 -43.56 -29.18
C MET B 67 -10.27 -42.48 -29.78
N PRO B 68 -9.18 -42.81 -30.48
CA PRO B 68 -8.21 -41.76 -30.85
C PRO B 68 -8.82 -40.56 -31.57
N LEU B 69 -9.91 -40.74 -32.32
CA LEU B 69 -10.51 -39.63 -33.05
C LEU B 69 -11.69 -39.00 -32.34
N VAL B 70 -12.37 -39.71 -31.45
CA VAL B 70 -13.42 -39.09 -30.66
C VAL B 70 -12.82 -38.26 -29.53
N VAL B 71 -11.66 -38.66 -28.99
CA VAL B 71 -11.02 -37.87 -27.95
C VAL B 71 -10.54 -36.54 -28.51
N ILE B 72 -9.98 -36.56 -29.72
CA ILE B 72 -9.54 -35.31 -30.35
C ILE B 72 -10.75 -34.46 -30.70
N GLY B 73 -11.84 -35.09 -31.12
CA GLY B 73 -13.04 -34.32 -31.43
C GLY B 73 -13.61 -33.64 -30.21
N LEU B 74 -13.71 -34.37 -29.10
CA LEU B 74 -14.29 -33.80 -27.89
C LEU B 74 -13.44 -32.65 -27.34
N MET B 75 -12.11 -32.75 -27.49
CA MET B 75 -11.25 -31.73 -26.89
C MET B 75 -11.29 -30.42 -27.67
N ILE B 76 -11.43 -30.49 -29.00
CA ILE B 76 -11.67 -29.28 -29.77
C ILE B 76 -12.93 -28.58 -29.26
N LEU B 77 -14.04 -29.32 -29.19
CA LEU B 77 -15.26 -28.78 -28.62
C LEU B 77 -15.03 -28.25 -27.22
N ARG B 78 -14.32 -29.03 -26.40
CA ARG B 78 -13.98 -28.58 -25.05
C ARG B 78 -13.19 -27.28 -25.08
N GLY B 79 -12.23 -27.17 -26.01
CA GLY B 79 -11.37 -26.01 -26.06
C GLY B 79 -12.06 -24.76 -26.57
N ILE B 80 -13.04 -24.92 -27.47
CA ILE B 80 -13.74 -23.77 -28.02
C ILE B 80 -14.78 -23.25 -27.04
N THR B 81 -15.53 -24.15 -26.40
CA THR B 81 -16.50 -23.72 -25.39
C THR B 81 -15.82 -22.93 -24.28
N SER B 82 -14.60 -23.33 -23.90
CA SER B 82 -13.86 -22.59 -22.88
C SER B 82 -13.48 -21.21 -23.39
N TYR B 83 -12.90 -21.13 -24.59
CA TYR B 83 -12.50 -19.85 -25.15
C TYR B 83 -13.70 -18.89 -25.27
N VAL B 84 -14.87 -19.43 -25.60
CA VAL B 84 -16.05 -18.58 -25.82
C VAL B 84 -16.59 -18.07 -24.50
N SER B 85 -16.96 -18.98 -23.59
CA SER B 85 -17.45 -18.56 -22.28
C SER B 85 -16.49 -17.57 -21.63
N SER B 86 -15.19 -17.80 -21.76
CA SER B 86 -14.21 -16.88 -21.19
C SER B 86 -14.32 -15.50 -21.80
N TYR B 87 -14.48 -15.43 -23.12
CA TYR B 87 -14.52 -14.14 -23.80
C TYR B 87 -15.80 -13.38 -23.49
N CYS B 88 -16.93 -14.09 -23.33
CA CYS B 88 -18.19 -13.42 -23.00
C CYS B 88 -18.15 -12.88 -21.57
N ILE B 89 -17.86 -13.74 -20.60
CA ILE B 89 -17.81 -13.30 -19.21
C ILE B 89 -16.85 -12.12 -19.08
N SER B 90 -15.64 -12.25 -19.64
CA SER B 90 -14.66 -11.17 -19.56
C SER B 90 -15.18 -9.89 -20.21
N TRP B 91 -15.88 -10.03 -21.32
CA TRP B 91 -16.43 -8.85 -21.99
C TRP B 91 -17.50 -8.19 -21.13
N VAL B 92 -18.45 -8.97 -20.62
CA VAL B 92 -19.48 -8.41 -19.73
C VAL B 92 -18.84 -7.88 -18.47
N SER B 93 -17.93 -8.67 -17.87
CA SER B 93 -17.29 -8.25 -16.62
C SER B 93 -16.51 -6.96 -16.83
N GLY B 94 -15.86 -6.81 -17.98
CA GLY B 94 -15.18 -5.55 -18.28
C GLY B 94 -16.14 -4.39 -18.41
N LYS B 95 -17.31 -4.63 -19.03
CA LYS B 95 -18.24 -3.54 -19.29
C LYS B 95 -18.86 -3.00 -18.02
N VAL B 96 -19.15 -3.85 -17.04
CA VAL B 96 -19.82 -3.38 -15.83
C VAL B 96 -18.85 -2.68 -14.90
N VAL B 97 -17.63 -3.19 -14.77
CA VAL B 97 -16.64 -2.53 -13.92
C VAL B 97 -16.33 -1.14 -14.45
N MET B 98 -16.21 -1.01 -15.77
CA MET B 98 -16.00 0.31 -16.37
C MET B 98 -17.18 1.22 -16.08
N THR B 99 -18.39 0.76 -16.40
CA THR B 99 -19.58 1.54 -16.12
C THR B 99 -19.65 1.97 -14.66
N MET B 100 -19.15 1.13 -13.75
CA MET B 100 -19.25 1.42 -12.33
C MET B 100 -18.13 2.34 -11.87
N ARG B 101 -16.90 2.04 -12.27
CA ARG B 101 -15.79 2.95 -11.97
C ARG B 101 -16.09 4.35 -12.46
N ARG B 102 -16.57 4.46 -13.70
CA ARG B 102 -16.94 5.76 -14.25
C ARG B 102 -18.05 6.41 -13.43
N ARG B 103 -19.06 5.62 -13.04
CA ARG B 103 -20.18 6.17 -12.28
C ARG B 103 -19.73 6.68 -10.92
N LEU B 104 -18.77 5.98 -10.29
CA LEU B 104 -18.30 6.41 -8.98
C LEU B 104 -17.32 7.57 -9.09
N PHE B 105 -16.46 7.56 -10.12
CA PHE B 105 -15.57 8.69 -10.34
C PHE B 105 -16.36 9.98 -10.47
N GLY B 106 -17.35 10.00 -11.35
CA GLY B 106 -18.18 11.18 -11.51
C GLY B 106 -18.92 11.55 -10.24
N HIS B 107 -19.55 10.56 -9.59
CA HIS B 107 -20.33 10.85 -8.39
C HIS B 107 -19.46 11.39 -7.28
N MET B 108 -18.39 10.66 -6.93
CA MET B 108 -17.51 11.11 -5.87
C MET B 108 -16.97 12.51 -6.15
N MET B 109 -16.65 12.80 -7.42
CA MET B 109 -16.10 14.10 -7.76
C MET B 109 -17.09 15.22 -7.46
N GLY B 110 -18.38 14.95 -7.62
CA GLY B 110 -19.42 15.92 -7.34
C GLY B 110 -19.86 15.97 -5.90
N MET B 111 -19.22 15.22 -5.01
CA MET B 111 -19.59 15.25 -3.60
C MET B 111 -19.01 16.49 -2.93
N PRO B 112 -19.61 16.95 -1.83
CA PRO B 112 -19.06 18.08 -1.09
C PRO B 112 -17.82 17.67 -0.31
N VAL B 113 -17.11 18.69 0.18
CA VAL B 113 -15.88 18.44 0.92
C VAL B 113 -16.18 17.76 2.26
N SER B 114 -17.41 17.87 2.75
CA SER B 114 -17.81 17.14 3.95
C SER B 114 -17.66 15.64 3.74
N PHE B 115 -17.94 15.17 2.53
CA PHE B 115 -17.83 13.74 2.23
C PHE B 115 -16.38 13.27 2.22
N PHE B 116 -15.46 14.14 1.78
CA PHE B 116 -14.05 13.77 1.75
C PHE B 116 -13.38 13.88 3.12
N ASP B 117 -13.93 14.69 4.03
CA ASP B 117 -13.34 14.81 5.35
C ASP B 117 -13.48 13.51 6.14
N LYS B 118 -14.69 12.94 6.15
CA LYS B 118 -14.93 11.68 6.84
C LYS B 118 -13.93 10.61 6.41
N GLN B 119 -13.94 10.28 5.13
CA GLN B 119 -13.26 9.09 4.63
C GLN B 119 -11.86 9.40 4.15
N SER B 120 -11.03 8.36 4.12
CA SER B 120 -9.70 8.45 3.55
C SER B 120 -9.79 8.59 2.04
N THR B 121 -8.75 9.19 1.44
CA THR B 121 -8.69 9.26 -0.01
C THR B 121 -8.38 7.89 -0.61
N GLY B 122 -7.62 7.06 0.11
CA GLY B 122 -7.34 5.72 -0.38
C GLY B 122 -8.54 4.79 -0.32
N THR B 123 -9.35 4.92 0.74
CA THR B 123 -10.60 4.17 0.81
C THR B 123 -11.46 4.44 -0.42
N LEU B 124 -11.72 5.72 -0.69
CA LEU B 124 -12.53 6.07 -1.85
C LEU B 124 -11.88 5.58 -3.15
N LEU B 125 -10.55 5.55 -3.19
CA LEU B 125 -9.85 5.01 -4.35
C LEU B 125 -9.99 3.49 -4.41
N SER B 126 -9.98 2.82 -3.26
CA SER B 126 -10.23 1.38 -3.22
C SER B 126 -11.60 1.05 -3.80
N ARG B 127 -12.60 1.90 -3.53
CA ARG B 127 -13.93 1.70 -4.07
C ARG B 127 -13.91 1.61 -5.59
N ILE B 128 -13.03 2.37 -6.22
CA ILE B 128 -13.00 2.43 -7.68
C ILE B 128 -12.14 1.31 -8.24
N THR B 129 -10.96 1.11 -7.66
CA THR B 129 -9.97 0.22 -8.24
C THR B 129 -10.29 -1.25 -7.96
N TYR B 130 -10.69 -1.57 -6.74
CA TYR B 130 -10.83 -2.97 -6.30
C TYR B 130 -12.28 -3.39 -6.14
N ASP B 131 -13.02 -2.76 -5.24
CA ASP B 131 -14.40 -3.17 -4.97
C ASP B 131 -15.18 -3.30 -6.27
N SER B 132 -15.12 -2.28 -7.12
CA SER B 132 -15.82 -2.34 -8.40
C SER B 132 -15.40 -3.56 -9.20
N GLU B 133 -14.16 -4.01 -9.06
CA GLU B 133 -13.71 -5.19 -9.77
C GLU B 133 -14.08 -6.48 -9.03
N GLN B 134 -14.11 -6.44 -7.70
CA GLN B 134 -14.44 -7.64 -6.93
C GLN B 134 -15.90 -8.04 -7.10
N VAL B 135 -16.78 -7.08 -7.34
CA VAL B 135 -18.20 -7.39 -7.46
C VAL B 135 -18.48 -8.21 -8.71
N ALA B 136 -17.92 -7.79 -9.85
CA ALA B 136 -18.07 -8.59 -11.06
C ALA B 136 -17.27 -9.88 -10.98
N SER B 137 -16.14 -9.86 -10.28
CA SER B 137 -15.35 -11.08 -10.11
C SER B 137 -16.13 -12.12 -9.32
N SER B 138 -16.74 -11.71 -8.21
CA SER B 138 -17.46 -12.66 -7.36
C SER B 138 -18.77 -13.11 -8.00
N SER B 139 -19.40 -12.24 -8.80
CA SER B 139 -20.66 -12.62 -9.44
C SER B 139 -20.42 -13.45 -10.69
N SER B 140 -19.41 -13.11 -11.48
CA SER B 140 -19.05 -13.92 -12.64
C SER B 140 -18.75 -15.36 -12.22
N GLY B 141 -17.82 -15.54 -11.28
CA GLY B 141 -17.54 -16.87 -10.77
C GLY B 141 -18.78 -17.55 -10.23
N ALA B 142 -19.63 -16.79 -9.54
CA ALA B 142 -20.89 -17.35 -9.06
C ALA B 142 -21.72 -17.88 -10.22
N LEU B 143 -21.85 -17.09 -11.29
CA LEU B 143 -22.63 -17.53 -12.45
C LEU B 143 -22.02 -18.76 -13.09
N ILE B 144 -20.69 -18.79 -13.21
CA ILE B 144 -20.02 -19.92 -13.84
C ILE B 144 -20.25 -21.20 -13.04
N THR B 145 -20.04 -21.13 -11.73
CA THR B 145 -20.13 -22.33 -10.90
C THR B 145 -21.56 -22.86 -10.85
N VAL B 146 -22.55 -21.98 -10.82
CA VAL B 146 -23.94 -22.43 -10.73
C VAL B 146 -24.31 -23.27 -11.95
N VAL B 147 -23.80 -22.89 -13.13
CA VAL B 147 -24.19 -23.53 -14.37
C VAL B 147 -23.18 -24.61 -14.75
N ARG B 148 -21.92 -24.22 -14.86
CA ARG B 148 -20.89 -25.15 -15.32
C ARG B 148 -20.87 -26.42 -14.47
N GLU B 149 -20.71 -26.24 -13.16
CA GLU B 149 -20.68 -27.38 -12.25
C GLU B 149 -22.08 -27.89 -11.90
N GLY B 150 -23.11 -27.06 -12.08
CA GLY B 150 -24.46 -27.56 -11.96
C GLY B 150 -24.86 -28.48 -13.08
N ALA B 151 -24.26 -28.29 -14.26
CA ALA B 151 -24.49 -29.21 -15.38
C ALA B 151 -23.65 -30.47 -15.24
N SER B 152 -22.41 -30.33 -14.77
CA SER B 152 -21.55 -31.49 -14.57
C SER B 152 -22.13 -32.43 -13.51
N ILE B 153 -22.67 -31.87 -12.43
CA ILE B 153 -23.15 -32.71 -11.33
C ILE B 153 -24.28 -33.62 -11.80
N ILE B 154 -25.19 -33.09 -12.62
CA ILE B 154 -26.28 -33.90 -13.15
C ILE B 154 -25.79 -34.77 -14.30
N GLY B 155 -24.87 -34.24 -15.12
CA GLY B 155 -24.27 -35.06 -16.15
C GLY B 155 -23.60 -36.30 -15.57
N LEU B 156 -22.95 -36.16 -14.41
CA LEU B 156 -22.24 -37.28 -13.79
C LEU B 156 -23.18 -38.18 -13.01
N PHE B 157 -24.16 -37.60 -12.33
CA PHE B 157 -25.07 -38.42 -11.52
C PHE B 157 -25.85 -39.39 -12.38
N ILE B 158 -26.27 -38.95 -13.58
CA ILE B 158 -26.95 -39.86 -14.50
C ILE B 158 -26.05 -41.04 -14.82
N MET B 159 -24.90 -40.76 -15.43
CA MET B 159 -23.94 -41.81 -15.79
C MET B 159 -23.70 -42.76 -14.63
N MET B 160 -23.67 -42.24 -13.41
CA MET B 160 -23.49 -43.08 -12.22
C MET B 160 -24.60 -44.11 -12.14
N PHE B 161 -25.85 -43.65 -12.00
CA PHE B 161 -26.95 -44.57 -11.75
C PHE B 161 -27.18 -45.51 -12.92
N TYR B 162 -27.05 -45.02 -14.15
CA TYR B 162 -27.32 -45.86 -15.31
C TYR B 162 -26.39 -47.06 -15.35
N TYR B 163 -25.08 -46.81 -15.31
CA TYR B 163 -24.12 -47.91 -15.39
C TYR B 163 -24.11 -48.80 -14.16
N SER B 164 -24.67 -48.34 -13.04
CA SER B 164 -24.81 -49.18 -11.85
C SER B 164 -25.65 -48.48 -10.80
N TRP B 165 -26.96 -48.68 -10.84
CA TRP B 165 -27.84 -48.11 -9.82
C TRP B 165 -27.48 -48.60 -8.43
N GLN B 166 -26.89 -49.80 -8.32
CA GLN B 166 -26.58 -50.36 -7.01
C GLN B 166 -25.55 -49.51 -6.28
N LEU B 167 -24.43 -49.20 -6.94
CA LEU B 167 -23.38 -48.42 -6.29
C LEU B 167 -23.83 -46.98 -6.06
N SER B 168 -24.53 -46.38 -7.03
CA SER B 168 -24.92 -44.99 -6.91
C SER B 168 -25.79 -44.75 -5.68
N ILE B 169 -26.81 -45.58 -5.48
CA ILE B 169 -27.70 -45.37 -4.34
C ILE B 169 -27.00 -45.63 -3.02
N ILE B 170 -25.87 -46.35 -3.03
CA ILE B 170 -25.12 -46.54 -1.80
C ILE B 170 -24.31 -45.30 -1.48
N LEU B 171 -23.88 -44.56 -2.51
CA LEU B 171 -23.21 -43.29 -2.28
C LEU B 171 -24.20 -42.21 -1.84
N ILE B 172 -25.39 -42.21 -2.43
CA ILE B 172 -26.38 -41.20 -2.10
C ILE B 172 -26.84 -41.33 -0.65
N VAL B 173 -27.07 -42.56 -0.19
CA VAL B 173 -27.50 -42.75 1.20
C VAL B 173 -26.43 -42.27 2.17
N LEU B 174 -25.16 -42.32 1.75
CA LEU B 174 -24.08 -41.83 2.61
C LEU B 174 -23.91 -40.32 2.55
N ALA B 175 -24.38 -39.68 1.48
CA ALA B 175 -24.16 -38.24 1.32
C ALA B 175 -24.67 -37.43 2.51
N PRO B 176 -25.88 -37.67 3.04
CA PRO B 176 -26.32 -36.90 4.21
C PRO B 176 -25.32 -36.92 5.35
N ILE B 177 -24.81 -38.09 5.72
CA ILE B 177 -23.86 -38.18 6.82
C ILE B 177 -22.56 -37.46 6.46
N VAL B 178 -22.07 -37.66 5.23
CA VAL B 178 -20.85 -36.97 4.79
C VAL B 178 -21.07 -35.47 4.83
N SER B 179 -22.20 -35.00 4.32
CA SER B 179 -22.48 -33.56 4.32
C SER B 179 -22.38 -33.00 5.73
N ILE B 180 -23.00 -33.68 6.70
CA ILE B 180 -22.98 -33.19 8.08
C ILE B 180 -21.56 -33.23 8.63
N ALA B 181 -20.78 -34.25 8.25
CA ALA B 181 -19.43 -34.38 8.77
C ALA B 181 -18.52 -33.28 8.25
N ILE B 182 -18.59 -32.98 6.95
CA ILE B 182 -17.79 -31.89 6.41
C ILE B 182 -18.21 -30.55 6.98
N ARG B 183 -19.44 -30.42 7.47
CA ARG B 183 -19.85 -29.19 8.13
C ARG B 183 -19.08 -28.98 9.43
N VAL B 184 -19.04 -30.01 10.28
CA VAL B 184 -18.49 -29.85 11.62
C VAL B 184 -17.02 -29.50 11.59
N VAL B 185 -16.31 -29.90 10.54
CA VAL B 185 -14.87 -29.66 10.47
C VAL B 185 -14.55 -28.36 9.73
N SER B 186 -15.29 -28.07 8.65
CA SER B 186 -15.14 -26.78 7.99
C SER B 186 -15.44 -25.64 8.94
N LYS B 187 -16.25 -25.89 9.98
CA LYS B 187 -16.49 -24.87 11.00
C LYS B 187 -15.25 -24.64 11.86
N ARG B 188 -14.45 -25.68 12.08
CA ARG B 188 -13.13 -25.53 12.69
C ARG B 188 -12.05 -25.25 11.64
N PHE B 189 -12.38 -24.48 10.61
CA PHE B 189 -11.42 -24.17 9.55
C PHE B 189 -10.48 -23.08 10.00
N ASN B 198 -4.25 -7.44 13.55
CA ASN B 198 -3.76 -6.72 14.72
C ASN B 198 -2.23 -6.67 14.71
N THR B 199 -1.61 -7.86 14.69
CA THR B 199 -0.14 -7.91 14.68
C THR B 199 0.43 -7.21 13.46
N MET B 200 -0.22 -7.37 12.30
CA MET B 200 0.24 -6.68 11.09
C MET B 200 0.18 -5.18 11.27
N GLY B 201 -0.82 -4.68 12.00
CA GLY B 201 -0.87 -3.26 12.29
C GLY B 201 0.25 -2.80 13.19
N GLN B 202 0.64 -3.64 14.15
CA GLN B 202 1.75 -3.30 15.04
C GLN B 202 3.08 -3.27 14.29
N VAL B 203 3.26 -4.18 13.34
CA VAL B 203 4.50 -4.19 12.54
C VAL B 203 4.63 -2.88 11.78
N THR B 204 3.56 -2.47 11.08
CA THR B 204 3.61 -1.22 10.33
C THR B 204 3.79 -0.03 11.26
N THR B 205 3.13 -0.05 12.43
CA THR B 205 3.30 1.04 13.38
C THR B 205 4.70 1.04 13.99
N SER B 206 5.12 -0.11 14.51
CA SER B 206 6.44 -0.20 15.14
C SER B 206 7.54 0.31 14.22
N ALA B 207 7.39 0.10 12.91
CA ALA B 207 8.38 0.59 11.97
C ALA B 207 8.12 2.03 11.56
N GLU B 208 6.85 2.41 11.39
CA GLU B 208 6.55 3.76 10.94
C GLU B 208 6.95 4.79 11.98
N GLN B 209 6.58 4.56 13.25
CA GLN B 209 6.97 5.51 14.28
C GLN B 209 8.44 5.39 14.64
N MET B 210 9.13 4.35 14.17
CA MET B 210 10.59 4.35 14.21
C MET B 210 11.15 5.30 13.16
N LEU B 211 10.69 5.18 11.91
CA LEU B 211 11.12 6.08 10.86
C LEU B 211 10.68 7.50 11.13
N LYS B 212 9.56 7.69 11.83
CA LYS B 212 9.15 9.04 12.22
C LYS B 212 10.14 9.64 13.20
N GLY B 213 10.48 8.89 14.25
CA GLY B 213 11.35 9.40 15.29
C GLY B 213 12.81 9.03 15.12
N HIS B 214 13.23 8.84 13.87
CA HIS B 214 14.63 8.49 13.63
C HIS B 214 15.56 9.55 14.20
N LYS B 215 15.18 10.83 14.07
CA LYS B 215 15.95 11.89 14.68
C LYS B 215 16.06 11.70 16.20
N GLU B 216 14.91 11.47 16.85
CA GLU B 216 14.90 11.25 18.29
C GLU B 216 15.47 9.89 18.68
N VAL B 217 15.63 8.97 17.72
CA VAL B 217 16.19 7.67 18.07
C VAL B 217 17.71 7.70 18.05
N LEU B 218 18.31 8.57 17.23
CA LEU B 218 19.77 8.63 17.16
C LEU B 218 20.34 9.28 18.42
N ILE B 219 19.82 10.44 18.80
CA ILE B 219 20.09 10.97 20.13
C ILE B 219 19.19 10.24 21.11
N PHE B 220 19.62 10.14 22.36
CA PHE B 220 19.05 9.26 23.37
C PHE B 220 19.46 7.80 23.11
N GLY B 221 20.11 7.50 21.98
CA GLY B 221 20.58 6.16 21.70
C GLY B 221 19.53 5.09 21.90
N GLY B 222 18.38 5.26 21.24
CA GLY B 222 17.29 4.33 21.36
C GLY B 222 17.37 3.13 20.44
N GLN B 223 18.48 2.96 19.70
CA GLN B 223 18.57 1.87 18.75
C GLN B 223 18.28 0.53 19.41
N GLU B 224 18.71 0.36 20.68
CA GLU B 224 18.55 -0.93 21.34
C GLU B 224 17.08 -1.18 21.68
N VAL B 225 16.42 -0.23 22.33
CA VAL B 225 15.04 -0.44 22.73
C VAL B 225 14.14 -0.56 21.50
N GLU B 226 14.51 0.06 20.39
CA GLU B 226 13.72 -0.04 19.17
C GLU B 226 13.92 -1.39 18.49
N THR B 227 15.17 -1.88 18.46
CA THR B 227 15.43 -3.17 17.84
C THR B 227 14.65 -4.28 18.54
N LYS B 228 14.63 -4.27 19.88
CA LYS B 228 13.96 -5.34 20.61
C LYS B 228 12.46 -5.10 20.76
N ARG B 229 12.00 -3.85 20.60
CA ARG B 229 10.58 -3.63 20.42
C ARG B 229 10.11 -4.32 19.14
N PHE B 230 10.88 -4.16 18.06
CA PHE B 230 10.53 -4.79 16.79
C PHE B 230 10.58 -6.31 16.89
N ASP B 231 11.65 -6.84 17.48
CA ASP B 231 11.81 -8.29 17.62
C ASP B 231 10.53 -8.91 18.17
N LYS B 232 9.99 -8.36 19.26
CA LYS B 232 8.71 -8.83 19.77
C LYS B 232 7.63 -8.75 18.71
N VAL B 233 7.44 -7.56 18.13
CA VAL B 233 6.32 -7.35 17.22
C VAL B 233 6.46 -8.20 15.97
N SER B 234 7.69 -8.34 15.45
CA SER B 234 7.89 -9.13 14.25
C SER B 234 7.72 -10.61 14.53
N ASN B 235 8.13 -11.06 15.72
CA ASN B 235 7.96 -12.47 16.07
C ASN B 235 6.50 -12.80 16.37
N ARG B 236 5.75 -11.85 16.92
CA ARG B 236 4.34 -12.10 17.23
C ARG B 236 3.52 -12.27 15.96
N MET B 237 3.76 -11.44 14.95
CA MET B 237 3.03 -11.61 13.69
C MET B 237 3.45 -12.88 12.96
N ARG B 238 4.71 -13.30 13.13
CA ARG B 238 5.13 -14.58 12.56
C ARG B 238 4.37 -15.73 13.20
N LEU B 239 4.09 -15.63 14.50
CA LEU B 239 3.33 -16.67 15.18
C LEU B 239 1.88 -16.66 14.73
N GLN B 240 1.29 -15.47 14.57
CA GLN B 240 -0.03 -15.38 13.97
C GLN B 240 -0.02 -15.81 12.51
N GLY B 241 1.09 -15.58 11.81
CA GLY B 241 1.16 -15.97 10.42
C GLY B 241 1.14 -17.47 10.23
N MET B 242 1.93 -18.19 11.04
CA MET B 242 1.92 -19.64 10.96
C MET B 242 0.58 -20.22 11.39
N LYS B 243 -0.09 -19.55 12.31
CA LYS B 243 -1.33 -20.09 12.88
C LYS B 243 -2.42 -20.22 11.81
N MET B 244 -2.60 -19.17 11.00
CA MET B 244 -3.70 -19.18 10.03
C MET B 244 -3.50 -20.27 8.98
N VAL B 245 -2.26 -20.46 8.51
CA VAL B 245 -2.01 -21.50 7.52
C VAL B 245 -2.19 -22.88 8.14
N SER B 246 -1.68 -23.07 9.35
CA SER B 246 -1.85 -24.35 10.04
C SER B 246 -3.33 -24.73 10.09
N ALA B 247 -4.17 -23.81 10.57
CA ALA B 247 -5.60 -24.05 10.59
C ALA B 247 -6.11 -24.44 9.21
N SER B 248 -5.76 -23.65 8.19
CA SER B 248 -6.23 -23.94 6.83
C SER B 248 -5.72 -25.28 6.34
N SER B 249 -4.50 -25.65 6.71
CA SER B 249 -3.88 -26.85 6.17
C SER B 249 -4.65 -28.11 6.55
N ILE B 250 -5.08 -28.22 7.80
CA ILE B 250 -5.60 -29.50 8.29
C ILE B 250 -6.98 -29.80 7.74
N SER B 251 -7.75 -28.77 7.38
CA SER B 251 -9.18 -28.98 7.10
C SER B 251 -9.38 -29.92 5.92
N ASP B 252 -8.67 -29.70 4.82
CA ASP B 252 -8.95 -30.45 3.60
C ASP B 252 -8.47 -31.90 3.71
N PRO B 253 -7.27 -32.16 4.23
CA PRO B 253 -6.87 -33.56 4.44
C PRO B 253 -7.94 -34.39 5.13
N ILE B 254 -8.59 -33.83 6.15
CA ILE B 254 -9.68 -34.53 6.80
C ILE B 254 -10.85 -34.68 5.83
N ILE B 255 -11.22 -33.60 5.16
CA ILE B 255 -12.35 -33.66 4.23
C ILE B 255 -12.11 -34.70 3.15
N GLN B 256 -10.90 -34.74 2.60
CA GLN B 256 -10.56 -35.79 1.65
C GLN B 256 -10.67 -37.17 2.29
N LEU B 257 -10.19 -37.29 3.54
CA LEU B 257 -10.26 -38.56 4.25
C LEU B 257 -11.70 -39.02 4.39
N ILE B 258 -12.59 -38.12 4.84
CA ILE B 258 -14.00 -38.46 4.96
C ILE B 258 -14.54 -38.98 3.63
N ALA B 259 -14.31 -38.21 2.56
CA ALA B 259 -14.81 -38.63 1.25
C ALA B 259 -14.20 -39.95 0.83
N SER B 260 -12.93 -40.19 1.17
CA SER B 260 -12.29 -41.45 0.80
C SER B 260 -12.90 -42.63 1.54
N LEU B 261 -13.30 -42.42 2.80
CA LEU B 261 -13.97 -43.48 3.54
C LEU B 261 -15.23 -43.94 2.80
N ALA B 262 -16.15 -43.00 2.54
CA ALA B 262 -17.39 -43.34 1.85
C ALA B 262 -17.12 -44.06 0.54
N LEU B 263 -16.18 -43.53 -0.26
CA LEU B 263 -15.87 -44.16 -1.54
C LEU B 263 -15.24 -45.53 -1.35
N ALA B 264 -14.42 -45.69 -0.32
CA ALA B 264 -13.88 -47.01 0.00
C ALA B 264 -15.01 -47.96 0.35
N PHE B 265 -15.93 -47.53 1.21
CA PHE B 265 -17.08 -48.34 1.55
C PHE B 265 -17.87 -48.75 0.31
N VAL B 266 -18.02 -47.82 -0.64
CA VAL B 266 -18.72 -48.15 -1.87
C VAL B 266 -18.00 -49.26 -2.62
N LEU B 267 -16.67 -49.30 -2.51
CA LEU B 267 -15.91 -50.33 -3.21
C LEU B 267 -16.00 -51.67 -2.48
N TYR B 268 -16.03 -51.64 -1.15
CA TYR B 268 -16.34 -52.85 -0.39
C TYR B 268 -17.73 -53.38 -0.71
N ALA B 269 -18.61 -52.53 -1.27
CA ALA B 269 -19.93 -52.99 -1.67
C ALA B 269 -19.89 -53.69 -3.02
N ALA B 270 -19.10 -53.18 -3.97
CA ALA B 270 -18.97 -53.84 -5.27
C ALA B 270 -18.47 -55.26 -5.12
N SER B 271 -17.87 -55.60 -3.99
CA SER B 271 -17.35 -56.95 -3.78
C SER B 271 -18.48 -57.98 -3.77
N PHE B 272 -19.61 -57.63 -3.18
CA PHE B 272 -20.68 -58.59 -3.02
C PHE B 272 -21.10 -59.15 -4.37
N PRO B 273 -21.36 -60.46 -4.46
CA PRO B 273 -21.52 -61.09 -5.78
C PRO B 273 -22.69 -60.56 -6.57
N SER B 274 -23.78 -60.18 -5.89
CA SER B 274 -24.92 -59.59 -6.59
C SER B 274 -24.52 -58.34 -7.35
N VAL B 275 -23.59 -57.56 -6.79
CA VAL B 275 -23.19 -56.30 -7.40
C VAL B 275 -22.12 -56.53 -8.46
N MET B 276 -21.06 -57.27 -8.11
CA MET B 276 -19.92 -57.44 -9.00
C MET B 276 -20.32 -58.04 -10.35
N ASP B 277 -21.38 -58.86 -10.37
CA ASP B 277 -21.78 -59.48 -11.63
C ASP B 277 -22.24 -58.45 -12.65
N SER B 278 -22.98 -57.43 -12.20
CA SER B 278 -23.41 -56.37 -13.10
C SER B 278 -22.24 -55.53 -13.61
N LEU B 279 -21.13 -55.50 -12.87
CA LEU B 279 -20.01 -54.62 -13.18
C LEU B 279 -19.01 -55.33 -14.07
N THR B 280 -18.54 -54.62 -15.09
CA THR B 280 -17.43 -55.07 -15.92
C THR B 280 -16.17 -54.33 -15.51
N ALA B 281 -15.10 -54.51 -16.28
CA ALA B 281 -13.89 -53.72 -16.06
C ALA B 281 -14.15 -52.24 -16.37
N GLY B 282 -15.00 -51.95 -17.35
CA GLY B 282 -15.26 -50.60 -17.76
C GLY B 282 -16.32 -49.92 -16.91
N THR B 283 -17.39 -50.64 -16.58
CA THR B 283 -18.49 -50.05 -15.82
C THR B 283 -17.99 -49.43 -14.53
N ILE B 284 -17.29 -50.22 -13.71
CA ILE B 284 -16.79 -49.70 -12.43
C ILE B 284 -15.82 -48.56 -12.67
N THR B 285 -14.99 -48.67 -13.71
CA THR B 285 -13.96 -47.67 -13.97
C THR B 285 -14.58 -46.30 -14.26
N VAL B 286 -15.74 -46.28 -14.88
CA VAL B 286 -16.44 -45.01 -15.14
C VAL B 286 -17.32 -44.61 -13.97
N VAL B 287 -17.89 -45.57 -13.25
CA VAL B 287 -18.73 -45.24 -12.10
C VAL B 287 -17.90 -44.61 -10.99
N PHE B 288 -16.65 -45.04 -10.82
CA PHE B 288 -15.76 -44.42 -9.84
C PHE B 288 -15.01 -43.23 -10.40
N SER B 289 -14.79 -43.19 -11.72
CA SER B 289 -14.21 -42.00 -12.33
C SER B 289 -15.18 -40.83 -12.30
N SER B 290 -16.49 -41.10 -12.42
CA SER B 290 -17.49 -40.06 -12.33
C SER B 290 -17.79 -39.68 -10.89
N MET B 291 -17.72 -40.64 -9.96
CA MET B 291 -17.87 -40.31 -8.55
C MET B 291 -16.75 -39.38 -8.09
N ILE B 292 -15.52 -39.61 -8.56
CA ILE B 292 -14.40 -38.75 -8.20
C ILE B 292 -14.55 -37.39 -8.88
N ALA B 293 -15.04 -37.36 -10.11
CA ALA B 293 -15.25 -36.10 -10.80
C ALA B 293 -16.29 -35.23 -10.10
N LEU B 294 -17.10 -35.81 -9.23
CA LEU B 294 -18.13 -35.08 -8.50
C LEU B 294 -17.58 -34.34 -7.27
N MET B 295 -16.33 -34.60 -6.88
CA MET B 295 -15.81 -34.01 -5.65
C MET B 295 -15.45 -32.55 -5.81
N ARG B 296 -15.16 -32.10 -7.03
CA ARG B 296 -14.80 -30.70 -7.26
C ARG B 296 -16.07 -29.86 -7.40
N PRO B 297 -17.00 -30.25 -8.28
CA PRO B 297 -18.29 -29.54 -8.34
C PRO B 297 -18.94 -29.37 -6.98
N LEU B 298 -18.92 -30.41 -6.14
CA LEU B 298 -19.51 -30.29 -4.81
C LEU B 298 -18.76 -29.27 -3.97
N LYS B 299 -17.43 -29.29 -4.02
CA LYS B 299 -16.66 -28.29 -3.27
C LYS B 299 -16.95 -26.89 -3.76
N SER B 300 -17.08 -26.72 -5.08
CA SER B 300 -17.36 -25.40 -5.63
C SER B 300 -18.77 -24.95 -5.28
N LEU B 301 -19.75 -25.85 -5.42
CA LEU B 301 -21.15 -25.48 -5.24
C LEU B 301 -21.48 -25.17 -3.78
N THR B 302 -20.68 -25.63 -2.83
CA THR B 302 -20.92 -25.31 -1.43
C THR B 302 -20.33 -23.96 -1.03
N ASN B 303 -19.36 -23.45 -1.79
CA ASN B 303 -18.72 -22.18 -1.50
C ASN B 303 -19.26 -21.04 -2.37
N VAL B 304 -20.25 -21.31 -3.22
CA VAL B 304 -20.63 -20.33 -4.24
C VAL B 304 -21.49 -19.21 -3.64
N ASN B 305 -22.37 -19.55 -2.69
CA ASN B 305 -23.17 -18.51 -2.07
C ASN B 305 -22.38 -17.66 -1.09
N ALA B 306 -21.24 -18.17 -0.62
CA ALA B 306 -20.36 -17.35 0.21
C ALA B 306 -19.65 -16.28 -0.61
N GLN B 307 -19.32 -16.58 -1.86
CA GLN B 307 -18.69 -15.59 -2.72
C GLN B 307 -19.70 -14.62 -3.29
N PHE B 308 -20.94 -15.08 -3.55
CA PHE B 308 -21.98 -14.15 -3.96
C PHE B 308 -22.30 -13.16 -2.84
N GLN B 309 -22.22 -13.60 -1.59
CA GLN B 309 -22.42 -12.69 -0.46
C GLN B 309 -21.36 -11.60 -0.46
N ARG B 310 -20.08 -11.97 -0.43
CA ARG B 310 -19.02 -10.98 -0.38
C ARG B 310 -19.03 -10.10 -1.61
N GLY B 311 -19.48 -10.62 -2.75
CA GLY B 311 -19.62 -9.79 -3.94
C GLY B 311 -20.65 -8.69 -3.75
N MET B 312 -21.81 -9.05 -3.18
CA MET B 312 -22.88 -8.08 -2.98
C MET B 312 -22.65 -7.19 -1.76
N ALA B 313 -21.85 -7.64 -0.79
CA ALA B 313 -21.52 -6.78 0.34
C ALA B 313 -20.61 -5.65 -0.10
N ALA B 314 -19.68 -5.93 -1.02
CA ALA B 314 -18.87 -4.88 -1.61
C ALA B 314 -19.69 -3.96 -2.50
N CYS B 315 -20.82 -4.45 -3.02
CA CYS B 315 -21.63 -3.67 -3.93
C CYS B 315 -22.57 -2.72 -3.19
N GLN B 316 -23.13 -3.17 -2.06
CA GLN B 316 -23.93 -2.26 -1.24
C GLN B 316 -23.07 -1.16 -0.65
N THR B 317 -21.77 -1.44 -0.46
CA THR B 317 -20.82 -0.39 -0.11
C THR B 317 -20.87 0.74 -1.13
N LEU B 318 -20.94 0.39 -2.41
CA LEU B 318 -20.88 1.40 -3.46
C LEU B 318 -22.24 2.02 -3.73
N PHE B 319 -23.32 1.29 -3.44
CA PHE B 319 -24.63 1.93 -3.49
C PHE B 319 -24.82 2.89 -2.32
N THR B 320 -24.16 2.63 -1.18
CA THR B 320 -24.12 3.63 -0.12
C THR B 320 -23.48 4.92 -0.62
N ILE B 321 -22.38 4.79 -1.37
CA ILE B 321 -21.72 5.97 -1.93
C ILE B 321 -22.60 6.60 -3.01
N LEU B 322 -23.09 5.78 -3.94
CA LEU B 322 -23.92 6.31 -5.02
C LEU B 322 -25.20 6.95 -4.50
N ASP B 323 -25.74 6.43 -3.40
CA ASP B 323 -26.95 7.01 -2.81
C ASP B 323 -26.66 8.28 -2.04
N SER B 324 -25.40 8.55 -1.69
CA SER B 324 -25.06 9.81 -1.06
C SER B 324 -25.35 10.97 -2.02
N GLU B 325 -25.53 12.15 -1.44
CA GLU B 325 -26.01 13.31 -2.18
C GLU B 325 -24.86 14.25 -2.54
N GLN B 326 -24.86 14.72 -3.78
CA GLN B 326 -23.86 15.66 -4.26
C GLN B 326 -24.16 17.08 -3.77
N GLU B 327 -23.13 17.92 -3.77
CA GLU B 327 -23.28 19.26 -3.22
C GLU B 327 -24.34 20.04 -3.98
N LYS B 328 -25.11 20.85 -3.24
CA LYS B 328 -26.29 21.50 -3.78
C LYS B 328 -25.91 22.76 -4.53
N ASP B 329 -26.34 22.86 -5.78
CA ASP B 329 -26.01 23.98 -6.66
C ASP B 329 -27.31 24.57 -7.20
N GLU B 330 -28.06 25.23 -6.31
CA GLU B 330 -29.33 25.84 -6.69
C GLU B 330 -29.19 27.33 -7.02
N GLY B 331 -27.99 27.88 -6.94
CA GLY B 331 -27.80 29.27 -7.33
C GLY B 331 -27.97 29.44 -8.84
N LYS B 332 -28.81 30.40 -9.24
CA LYS B 332 -29.14 30.63 -10.63
C LYS B 332 -28.58 31.95 -11.14
N ARG B 333 -27.47 32.42 -10.57
CA ARG B 333 -26.90 33.71 -10.89
C ARG B 333 -25.49 33.50 -11.42
N VAL B 334 -25.15 34.18 -12.50
CA VAL B 334 -23.86 34.01 -13.18
C VAL B 334 -23.16 35.36 -13.23
N ILE B 335 -21.86 35.34 -12.95
CA ILE B 335 -21.01 36.53 -13.04
C ILE B 335 -19.89 36.23 -14.02
N GLU B 336 -19.83 37.00 -15.10
CA GLU B 336 -18.71 36.87 -16.02
C GLU B 336 -17.39 37.11 -15.31
N ARG B 337 -17.28 38.24 -14.61
CA ARG B 337 -16.09 38.57 -13.84
C ARG B 337 -16.46 39.61 -12.80
N ALA B 338 -15.90 39.47 -11.60
CA ALA B 338 -16.26 40.32 -10.46
C ALA B 338 -15.00 40.96 -9.87
N THR B 339 -14.64 42.14 -10.37
CA THR B 339 -13.69 43.00 -9.65
C THR B 339 -14.48 43.66 -8.53
N GLY B 340 -14.54 42.98 -7.39
CA GLY B 340 -15.38 43.46 -6.31
C GLY B 340 -14.95 42.91 -4.97
N ASP B 341 -15.57 43.45 -3.94
CA ASP B 341 -15.27 43.10 -2.56
C ASP B 341 -16.07 41.87 -2.13
N VAL B 342 -15.46 41.08 -1.26
CA VAL B 342 -16.14 40.01 -0.55
C VAL B 342 -16.39 40.50 0.87
N GLU B 343 -17.63 40.34 1.34
CA GLU B 343 -18.01 40.85 2.65
C GLU B 343 -18.67 39.76 3.47
N PHE B 344 -18.19 39.60 4.71
CA PHE B 344 -18.84 38.73 5.69
C PHE B 344 -19.79 39.57 6.53
N ARG B 345 -21.06 39.16 6.58
CA ARG B 345 -22.07 39.85 7.39
C ARG B 345 -22.52 38.92 8.52
N ASN B 346 -21.95 39.13 9.70
CA ASN B 346 -22.32 38.38 10.90
C ASN B 346 -22.37 36.88 10.61
N VAL B 347 -21.29 36.37 10.02
CA VAL B 347 -21.22 34.97 9.64
C VAL B 347 -20.85 34.14 10.87
N THR B 348 -21.54 33.03 11.06
CA THR B 348 -21.22 32.06 12.10
C THR B 348 -21.22 30.68 11.45
N PHE B 349 -20.19 29.89 11.74
CA PHE B 349 -20.04 28.59 11.10
C PHE B 349 -19.68 27.51 12.10
N THR B 350 -20.23 26.31 11.88
CA THR B 350 -19.92 25.12 12.64
C THR B 350 -19.67 23.97 11.67
N TYR B 351 -18.55 23.28 11.84
CA TYR B 351 -18.26 22.12 10.99
C TYR B 351 -19.26 21.02 11.30
N PRO B 352 -19.88 20.40 10.28
CA PRO B 352 -20.80 19.30 10.55
C PRO B 352 -20.14 18.19 11.38
N GLY B 353 -20.85 17.73 12.42
CA GLY B 353 -20.31 16.78 13.35
C GLY B 353 -19.71 17.40 14.59
N ARG B 354 -19.31 18.66 14.52
CA ARG B 354 -18.86 19.43 15.68
C ARG B 354 -19.98 20.38 16.08
N ASP B 355 -20.08 20.65 17.39
CA ASP B 355 -21.15 21.49 17.91
C ASP B 355 -20.63 22.82 18.45
N VAL B 356 -19.32 23.04 18.46
CA VAL B 356 -18.73 24.30 18.86
C VAL B 356 -18.37 25.08 17.60
N PRO B 357 -19.00 26.22 17.32
CA PRO B 357 -18.70 26.96 16.08
C PRO B 357 -17.21 27.23 15.90
N ALA B 358 -16.69 26.87 14.73
CA ALA B 358 -15.33 27.25 14.36
C ALA B 358 -15.22 28.75 14.14
N LEU B 359 -16.31 29.40 13.73
CA LEU B 359 -16.35 30.83 13.52
C LEU B 359 -17.62 31.39 14.15
N ARG B 360 -17.46 32.30 15.10
CA ARG B 360 -18.59 32.98 15.73
C ARG B 360 -18.94 34.22 14.90
N ASN B 361 -19.59 35.20 15.53
CA ASN B 361 -19.97 36.42 14.83
C ASN B 361 -18.75 37.08 14.21
N ILE B 362 -18.67 37.08 12.88
CA ILE B 362 -17.52 37.61 12.15
C ILE B 362 -18.03 38.59 11.09
N ASN B 363 -17.40 39.75 11.03
CA ASN B 363 -17.63 40.73 9.97
C ASN B 363 -16.29 41.08 9.36
N LEU B 364 -16.15 40.83 8.06
CA LEU B 364 -14.87 41.02 7.37
C LEU B 364 -15.15 41.57 5.98
N LYS B 365 -14.41 42.60 5.59
CA LYS B 365 -14.56 43.24 4.30
C LYS B 365 -13.24 43.22 3.57
N ILE B 366 -13.25 42.75 2.32
CA ILE B 366 -12.04 42.70 1.49
C ILE B 366 -12.27 43.62 0.30
N PRO B 367 -12.16 44.94 0.47
CA PRO B 367 -12.46 45.85 -0.64
C PRO B 367 -11.72 45.45 -1.91
N ALA B 368 -12.39 45.62 -3.05
CA ALA B 368 -11.83 45.21 -4.33
C ALA B 368 -10.43 45.77 -4.51
N GLY B 369 -9.59 45.01 -5.21
CA GLY B 369 -8.22 45.40 -5.48
C GLY B 369 -7.28 45.37 -4.31
N LYS B 370 -7.79 45.17 -3.09
CA LYS B 370 -6.98 45.22 -1.88
C LYS B 370 -6.69 43.82 -1.36
N THR B 371 -5.52 43.67 -0.77
CA THR B 371 -5.08 42.41 -0.20
C THR B 371 -5.23 42.49 1.31
N VAL B 372 -6.07 41.62 1.88
CA VAL B 372 -6.26 41.51 3.32
C VAL B 372 -5.55 40.24 3.76
N ALA B 373 -4.47 40.41 4.51
CA ALA B 373 -3.76 39.29 5.13
C ALA B 373 -4.35 39.06 6.51
N LEU B 374 -4.81 37.84 6.78
CA LEU B 374 -5.36 37.48 8.07
C LEU B 374 -4.40 36.51 8.74
N VAL B 375 -3.99 36.86 9.95
CA VAL B 375 -3.06 36.06 10.75
C VAL B 375 -3.84 35.40 11.87
N GLY B 376 -3.37 34.23 12.29
CA GLY B 376 -4.04 33.51 13.35
C GLY B 376 -3.27 32.28 13.75
N ARG B 377 -3.59 31.78 14.94
CA ARG B 377 -2.94 30.59 15.47
C ARG B 377 -3.19 29.40 14.55
N SER B 378 -2.23 28.47 14.54
CA SER B 378 -2.20 27.44 13.51
C SER B 378 -3.53 26.70 13.38
N GLY B 379 -4.21 26.46 14.50
CA GLY B 379 -5.43 25.68 14.48
C GLY B 379 -6.69 26.51 14.30
N SER B 380 -6.59 27.82 14.50
CA SER B 380 -7.76 28.69 14.47
C SER B 380 -8.56 28.54 13.18
N GLY B 381 -9.72 29.19 13.13
CA GLY B 381 -10.56 29.13 11.95
C GLY B 381 -10.16 30.11 10.87
N LYS B 382 -8.87 30.44 10.80
CA LYS B 382 -8.39 31.33 9.74
C LYS B 382 -8.50 30.66 8.38
N SER B 383 -8.13 29.38 8.30
CA SER B 383 -8.30 28.63 7.05
C SER B 383 -9.75 28.29 6.77
N THR B 384 -10.62 28.37 7.79
CA THR B 384 -12.05 28.19 7.58
C THR B 384 -12.66 29.34 6.80
N ILE B 385 -12.10 30.55 6.95
CA ILE B 385 -12.62 31.72 6.26
C ILE B 385 -12.42 31.58 4.76
N ALA B 386 -11.22 31.22 4.34
CA ALA B 386 -10.95 31.04 2.92
C ALA B 386 -11.69 29.83 2.35
N SER B 387 -12.08 28.88 3.20
CA SER B 387 -12.87 27.75 2.74
C SER B 387 -14.34 28.13 2.55
N LEU B 388 -14.84 29.12 3.29
CA LEU B 388 -16.24 29.51 3.18
C LEU B 388 -16.49 30.35 1.93
N ILE B 389 -15.55 31.21 1.57
CA ILE B 389 -15.75 32.08 0.40
C ILE B 389 -15.94 31.24 -0.86
N THR B 390 -15.11 30.24 -1.04
CA THR B 390 -15.24 29.34 -2.19
C THR B 390 -16.44 28.40 -2.06
N ARG B 391 -17.17 28.46 -0.94
CA ARG B 391 -18.38 27.67 -0.72
C ARG B 391 -18.11 26.17 -0.65
N PHE B 392 -16.95 25.79 -0.09
CA PHE B 392 -16.75 24.39 0.25
C PHE B 392 -17.76 23.93 1.30
N TYR B 393 -18.21 24.85 2.15
CA TYR B 393 -19.29 24.56 3.10
C TYR B 393 -20.25 25.74 3.14
N ASP B 394 -21.55 25.44 3.21
CA ASP B 394 -22.54 26.48 3.45
C ASP B 394 -22.58 26.81 4.95
N ILE B 395 -23.01 28.03 5.25
CA ILE B 395 -22.93 28.55 6.61
C ILE B 395 -24.25 28.32 7.34
N ASP B 396 -24.23 28.52 8.66
CA ASP B 396 -25.40 28.33 9.51
C ASP B 396 -26.18 29.62 9.69
N GLU B 397 -25.48 30.72 9.99
CA GLU B 397 -26.11 32.02 10.16
C GLU B 397 -25.21 33.06 9.53
N GLY B 398 -25.82 34.19 9.19
CA GLY B 398 -25.09 35.30 8.60
C GLY B 398 -25.20 35.33 7.09
N GLU B 399 -24.26 36.05 6.47
CA GLU B 399 -24.33 36.29 5.03
C GLU B 399 -22.94 36.66 4.52
N ILE B 400 -22.54 36.07 3.40
CA ILE B 400 -21.30 36.42 2.73
C ILE B 400 -21.67 36.99 1.36
N LEU B 401 -21.29 38.23 1.12
CA LEU B 401 -21.64 38.93 -0.11
C LEU B 401 -20.41 39.09 -0.99
N MET B 402 -20.52 38.63 -2.23
CA MET B 402 -19.58 38.95 -3.29
C MET B 402 -20.30 39.86 -4.27
N ASP B 403 -19.77 41.08 -4.45
CA ASP B 403 -20.43 42.10 -5.26
C ASP B 403 -21.82 42.42 -4.71
N GLY B 404 -21.95 42.40 -3.39
CA GLY B 404 -23.20 42.77 -2.76
C GLY B 404 -24.32 41.78 -2.96
N HIS B 405 -24.03 40.54 -3.35
CA HIS B 405 -25.04 39.51 -3.50
C HIS B 405 -24.52 38.22 -2.89
N ASP B 406 -25.40 37.50 -2.20
CA ASP B 406 -25.01 36.32 -1.44
C ASP B 406 -24.26 35.34 -2.33
N LEU B 407 -23.26 34.66 -1.76
CA LEU B 407 -22.53 33.64 -2.51
C LEU B 407 -23.47 32.53 -2.98
N ARG B 408 -24.49 32.23 -2.19
CA ARG B 408 -25.43 31.17 -2.56
C ARG B 408 -26.39 31.59 -3.66
N GLU B 409 -26.45 32.89 -4.00
CA GLU B 409 -27.27 33.31 -5.13
C GLU B 409 -26.67 32.84 -6.45
N TYR B 410 -25.34 32.73 -6.54
CA TYR B 410 -24.69 32.39 -7.80
C TYR B 410 -24.60 30.88 -7.96
N THR B 411 -24.59 30.45 -9.22
CA THR B 411 -24.16 29.09 -9.54
C THR B 411 -22.73 28.88 -9.06
N LEU B 412 -22.41 27.64 -8.68
CA LEU B 412 -21.10 27.38 -8.08
C LEU B 412 -19.98 27.44 -9.11
N ALA B 413 -20.27 27.13 -10.38
CA ALA B 413 -19.23 27.24 -11.40
C ALA B 413 -18.78 28.68 -11.57
N SER B 414 -19.72 29.61 -11.67
CA SER B 414 -19.38 31.01 -11.86
C SER B 414 -18.67 31.58 -10.63
N LEU B 415 -19.13 31.20 -9.44
CA LEU B 415 -18.50 31.69 -8.22
C LEU B 415 -17.04 31.25 -8.13
N ARG B 416 -16.76 29.98 -8.45
CA ARG B 416 -15.41 29.45 -8.30
C ARG B 416 -14.49 29.88 -9.44
N ASN B 417 -15.05 30.31 -10.56
CA ASN B 417 -14.23 30.92 -11.61
C ASN B 417 -13.59 32.22 -11.15
N GLN B 418 -14.19 32.89 -10.15
CA GLN B 418 -13.65 34.16 -9.66
C GLN B 418 -12.52 33.97 -8.67
N VAL B 419 -12.35 32.77 -8.11
CA VAL B 419 -11.34 32.51 -7.09
C VAL B 419 -10.23 31.65 -7.72
N ALA B 420 -8.99 31.96 -7.33
CA ALA B 420 -7.84 31.14 -7.68
C ALA B 420 -7.12 30.80 -6.39
N LEU B 421 -6.77 29.53 -6.22
CA LEU B 421 -6.10 29.05 -5.02
C LEU B 421 -4.62 28.86 -5.31
N VAL B 422 -3.79 29.29 -4.36
CA VAL B 422 -2.35 29.10 -4.45
C VAL B 422 -1.86 28.58 -3.11
N SER B 423 -1.26 27.39 -3.13
CA SER B 423 -0.70 26.76 -1.95
C SER B 423 0.38 25.80 -2.40
N GLN B 424 1.37 25.58 -1.54
CA GLN B 424 2.37 24.56 -1.85
C GLN B 424 1.70 23.22 -2.12
N ASN B 425 0.76 22.84 -1.26
CA ASN B 425 0.11 21.55 -1.37
C ASN B 425 -0.88 21.46 -2.54
N VAL B 426 -1.04 22.53 -3.33
CA VAL B 426 -1.84 22.44 -4.54
C VAL B 426 -1.44 21.16 -5.24
N HIS B 427 -2.37 20.22 -5.37
CA HIS B 427 -2.00 18.95 -5.98
C HIS B 427 -1.75 19.15 -7.47
N LEU B 428 -0.64 18.60 -7.95
CA LEU B 428 -0.26 18.70 -9.34
C LEU B 428 -0.58 17.38 -10.03
N PHE B 429 -1.35 17.49 -11.11
CA PHE B 429 -1.87 16.33 -11.82
C PHE B 429 -0.89 15.88 -12.90
N ASN B 430 -1.02 14.64 -13.32
CA ASN B 430 -0.03 14.01 -14.20
C ASN B 430 -0.24 14.51 -15.63
N ASP B 431 0.55 15.51 -16.02
CA ASP B 431 0.52 16.05 -17.37
C ASP B 431 1.69 17.03 -17.51
N THR B 432 1.82 17.62 -18.70
CA THR B 432 2.89 18.58 -18.94
C THR B 432 2.86 19.71 -17.92
N VAL B 433 4.03 20.31 -17.71
CA VAL B 433 4.08 21.55 -16.93
C VAL B 433 3.11 22.56 -17.52
N ALA B 434 3.14 22.73 -18.84
CA ALA B 434 2.29 23.73 -19.49
C ALA B 434 0.81 23.45 -19.26
N ASN B 435 0.41 22.18 -19.32
CA ASN B 435 -1.00 21.85 -19.15
C ASN B 435 -1.45 21.92 -17.70
N ASN B 436 -0.54 21.84 -16.74
CA ASN B 436 -0.89 22.12 -15.35
C ASN B 436 -1.16 23.60 -15.15
N ILE B 437 -0.37 24.46 -15.81
CA ILE B 437 -0.55 25.90 -15.66
C ILE B 437 -1.87 26.36 -16.28
N ALA B 438 -2.20 25.81 -17.46
CA ALA B 438 -3.48 26.09 -18.11
C ALA B 438 -4.51 25.02 -17.79
N TYR B 439 -4.50 24.51 -16.56
CA TYR B 439 -5.36 23.41 -16.19
C TYR B 439 -6.82 23.73 -16.47
N ALA B 440 -7.52 22.76 -17.05
CA ALA B 440 -8.94 22.87 -17.37
C ALA B 440 -9.26 24.06 -18.28
N ARG B 441 -8.23 24.68 -18.85
CA ARG B 441 -8.42 25.70 -19.87
C ARG B 441 -7.22 25.67 -20.82
N THR B 442 -6.79 24.46 -21.19
CA THR B 442 -5.60 24.32 -22.03
C THR B 442 -5.82 24.93 -23.40
N GLU B 443 -6.99 24.68 -24.01
CA GLU B 443 -7.26 25.20 -25.34
C GLU B 443 -7.41 26.72 -25.33
N GLN B 444 -7.82 27.31 -24.21
CA GLN B 444 -8.09 28.74 -24.17
C GLN B 444 -6.82 29.56 -24.40
N TYR B 445 -5.76 29.26 -23.66
CA TYR B 445 -4.57 30.11 -23.61
C TYR B 445 -3.51 29.62 -24.58
N SER B 446 -2.96 30.55 -25.36
CA SER B 446 -1.83 30.26 -26.23
C SER B 446 -0.60 29.90 -25.40
N ARG B 447 0.33 29.20 -26.05
CA ARG B 447 1.56 28.83 -25.35
C ARG B 447 2.38 30.06 -24.99
N GLU B 448 2.31 31.12 -25.81
CA GLU B 448 2.95 32.38 -25.44
C GLU B 448 2.34 32.95 -24.16
N GLN B 449 1.01 32.92 -24.05
CA GLN B 449 0.37 33.29 -22.80
C GLN B 449 0.84 32.39 -21.66
N ILE B 450 0.93 31.09 -21.91
CA ILE B 450 1.43 30.16 -20.90
C ILE B 450 2.87 30.50 -20.53
N GLU B 451 3.75 30.52 -21.53
CA GLU B 451 5.18 30.64 -21.28
C GLU B 451 5.50 31.89 -20.47
N GLU B 452 4.80 32.99 -20.74
CA GLU B 452 5.03 34.21 -19.97
C GLU B 452 4.67 34.01 -18.50
N ALA B 453 3.52 33.40 -18.24
CA ALA B 453 3.10 33.16 -16.86
C ALA B 453 4.13 32.36 -16.08
N ALA B 454 4.95 31.56 -16.76
CA ALA B 454 5.93 30.72 -16.07
C ALA B 454 7.10 31.55 -15.56
N ARG B 455 7.65 32.44 -16.40
CA ARG B 455 8.76 33.28 -15.95
C ARG B 455 8.27 34.38 -15.01
N MET B 456 7.09 34.94 -15.27
CA MET B 456 6.50 35.89 -14.33
C MET B 456 6.33 35.29 -12.94
N ALA B 457 6.34 33.96 -12.83
CA ALA B 457 6.28 33.28 -11.55
C ALA B 457 7.65 32.80 -11.08
N TYR B 458 8.72 33.16 -11.78
CA TYR B 458 10.06 32.73 -11.47
C TYR B 458 10.20 31.20 -11.46
N ALA B 459 9.25 30.50 -12.08
CA ALA B 459 9.32 29.06 -12.18
C ALA B 459 10.19 28.59 -13.34
N MET B 460 10.50 29.49 -14.28
CA MET B 460 11.32 29.10 -15.42
C MET B 460 12.72 28.68 -15.00
N ASP B 461 13.26 29.30 -13.93
CA ASP B 461 14.61 29.00 -13.49
C ASP B 461 14.86 27.50 -13.36
N PHE B 462 13.83 26.72 -13.03
CA PHE B 462 13.97 25.28 -12.91
C PHE B 462 13.30 24.50 -14.04
N ILE B 463 12.44 25.13 -14.83
CA ILE B 463 11.74 24.40 -15.88
C ILE B 463 12.68 24.06 -17.03
N ASN B 464 13.44 25.05 -17.51
CA ASN B 464 14.36 24.77 -18.60
C ASN B 464 15.37 23.69 -18.22
N LYS B 465 15.74 23.62 -16.94
CA LYS B 465 16.59 22.53 -16.48
C LYS B 465 15.97 21.17 -16.78
N MET B 466 14.65 21.10 -16.85
CA MET B 466 14.00 19.85 -17.21
C MET B 466 14.37 19.44 -18.63
N ASP B 467 14.17 18.16 -18.93
CA ASP B 467 14.69 17.61 -20.17
C ASP B 467 13.96 18.17 -21.38
N ASN B 468 12.63 18.26 -21.31
CA ASN B 468 11.83 18.88 -22.37
C ASN B 468 11.27 20.23 -21.96
N GLY B 469 11.67 20.74 -20.79
CA GLY B 469 11.22 22.05 -20.36
C GLY B 469 9.74 22.14 -20.07
N LEU B 470 9.02 22.97 -20.82
CA LEU B 470 7.61 23.19 -20.57
C LEU B 470 6.74 22.01 -21.04
N ASP B 471 7.20 21.27 -22.03
CA ASP B 471 6.48 20.09 -22.49
C ASP B 471 6.91 18.83 -21.75
N THR B 472 7.85 18.94 -20.81
CA THR B 472 8.10 17.85 -19.89
C THR B 472 6.83 17.54 -19.11
N VAL B 473 6.54 16.25 -18.93
CA VAL B 473 5.34 15.84 -18.22
C VAL B 473 5.71 15.45 -16.81
N ILE B 474 4.99 16.02 -15.84
CA ILE B 474 5.07 15.53 -14.48
C ILE B 474 4.58 14.10 -14.46
N GLY B 475 5.44 13.17 -14.05
CA GLY B 475 5.20 11.75 -14.23
C GLY B 475 5.13 11.01 -12.91
N GLU B 476 4.36 9.92 -12.90
CA GLU B 476 4.26 9.02 -11.76
C GLU B 476 3.79 9.76 -10.50
N ASN B 477 2.59 10.34 -10.61
CA ASN B 477 1.88 10.94 -9.47
C ASN B 477 2.60 12.19 -8.94
N GLY B 478 3.37 12.88 -9.77
CA GLY B 478 4.06 14.07 -9.33
C GLY B 478 5.44 13.84 -8.75
N VAL B 479 6.17 12.84 -9.24
CA VAL B 479 7.37 12.38 -8.55
C VAL B 479 8.51 13.38 -8.63
N LEU B 480 8.54 14.24 -9.65
CA LEU B 480 9.75 15.01 -9.93
C LEU B 480 9.82 16.34 -9.19
N LEU B 481 8.69 16.95 -8.85
CA LEU B 481 8.72 18.32 -8.35
C LEU B 481 8.95 18.37 -6.84
N SER B 482 9.58 19.44 -6.41
CA SER B 482 9.88 19.68 -5.00
C SER B 482 8.77 20.54 -4.38
N GLY B 483 8.80 20.63 -3.05
CA GLY B 483 7.82 21.45 -2.36
C GLY B 483 7.80 22.88 -2.85
N GLY B 484 8.98 23.48 -2.98
CA GLY B 484 9.05 24.86 -3.43
C GLY B 484 8.66 25.03 -4.89
N GLN B 485 8.94 24.03 -5.73
CA GLN B 485 8.68 24.15 -7.15
C GLN B 485 7.19 24.23 -7.44
N ARG B 486 6.40 23.36 -6.81
CA ARG B 486 4.95 23.37 -7.03
C ARG B 486 4.37 24.76 -6.81
N GLN B 487 4.81 25.44 -5.76
CA GLN B 487 4.24 26.74 -5.41
C GLN B 487 4.31 27.70 -6.57
N ARG B 488 5.49 27.82 -7.20
CA ARG B 488 5.65 28.74 -8.31
C ARG B 488 4.85 28.32 -9.54
N ILE B 489 4.53 27.03 -9.66
CA ILE B 489 3.61 26.60 -10.71
C ILE B 489 2.17 26.92 -10.33
N ALA B 490 1.84 26.80 -9.04
CA ALA B 490 0.53 27.24 -8.57
C ALA B 490 0.33 28.73 -8.84
N ILE B 491 1.38 29.53 -8.63
CA ILE B 491 1.30 30.96 -8.91
C ILE B 491 1.08 31.20 -10.39
N ALA B 492 1.85 30.48 -11.23
CA ALA B 492 1.70 30.65 -12.67
C ALA B 492 0.29 30.30 -13.12
N ARG B 493 -0.31 29.30 -12.49
CA ARG B 493 -1.67 28.91 -12.84
C ARG B 493 -2.66 30.04 -12.55
N ALA B 494 -2.57 30.62 -11.35
CA ALA B 494 -3.46 31.73 -11.00
C ALA B 494 -3.15 32.97 -11.84
N LEU B 495 -1.86 33.27 -12.03
CA LEU B 495 -1.47 34.42 -12.84
C LEU B 495 -2.08 34.34 -14.24
N LEU B 496 -1.88 33.21 -14.93
CA LEU B 496 -2.38 33.06 -16.28
C LEU B 496 -3.90 33.17 -16.31
N ARG B 497 -4.58 32.43 -15.43
CA ARG B 497 -6.04 32.50 -15.38
C ARG B 497 -6.52 33.91 -15.03
N ASP B 498 -5.74 34.64 -14.22
CA ASP B 498 -6.06 36.02 -13.86
C ASP B 498 -7.43 36.09 -13.18
N SER B 499 -7.49 35.49 -11.99
CA SER B 499 -8.74 35.43 -11.25
C SER B 499 -8.92 36.69 -10.41
N PRO B 500 -10.12 37.29 -10.40
CA PRO B 500 -10.31 38.52 -9.60
C PRO B 500 -10.00 38.34 -8.13
N ILE B 501 -10.42 37.24 -7.53
CA ILE B 501 -10.18 36.99 -6.11
C ILE B 501 -9.07 35.96 -5.98
N LEU B 502 -8.07 36.28 -5.16
CA LEU B 502 -6.93 35.42 -4.92
C LEU B 502 -6.98 34.92 -3.49
N ILE B 503 -7.00 33.60 -3.32
CA ILE B 503 -6.84 32.98 -2.02
C ILE B 503 -5.46 32.35 -1.98
N LEU B 504 -4.65 32.76 -1.01
CA LEU B 504 -3.26 32.35 -0.91
C LEU B 504 -3.07 31.62 0.41
N ASP B 505 -2.84 30.31 0.34
CA ASP B 505 -2.60 29.50 1.53
C ASP B 505 -1.10 29.47 1.79
N GLU B 506 -0.68 30.04 2.93
CA GLU B 506 0.72 30.06 3.32
C GLU B 506 1.01 29.21 4.56
N ALA B 507 -0.01 28.56 5.13
CA ALA B 507 0.25 27.64 6.23
C ALA B 507 0.97 26.39 5.77
N THR B 508 0.69 25.95 4.54
CA THR B 508 1.27 24.74 3.97
C THR B 508 2.49 25.04 3.12
N SER B 509 3.05 26.25 3.23
CA SER B 509 3.93 26.77 2.20
C SER B 509 5.30 26.11 2.20
N ALA B 510 5.81 25.69 3.36
CA ALA B 510 7.19 25.19 3.47
C ALA B 510 8.18 26.26 3.00
N LEU B 511 8.34 27.26 3.88
CA LEU B 511 9.01 28.50 3.48
C LEU B 511 10.50 28.29 3.21
N ASP B 512 11.19 27.55 4.07
CA ASP B 512 12.62 27.34 3.89
C ASP B 512 12.90 26.63 2.58
N THR B 513 13.35 27.37 1.57
CA THR B 513 13.56 26.82 0.23
C THR B 513 14.85 27.37 -0.36
N GLU B 514 15.26 26.78 -1.48
CA GLU B 514 16.51 27.17 -2.13
C GLU B 514 16.41 28.56 -2.74
N SER B 515 15.23 28.92 -3.26
CA SER B 515 15.01 30.22 -3.90
C SER B 515 13.68 30.77 -3.41
N GLU B 516 13.66 31.26 -2.16
CA GLU B 516 12.46 31.86 -1.60
C GLU B 516 12.25 33.27 -2.12
N ARG B 517 13.33 34.00 -2.39
CA ARG B 517 13.20 35.34 -2.95
C ARG B 517 12.45 35.31 -4.27
N ALA B 518 12.65 34.24 -5.06
CA ALA B 518 11.92 34.09 -6.31
C ALA B 518 10.42 33.95 -6.06
N ILE B 519 10.04 33.15 -5.06
CA ILE B 519 8.63 33.00 -4.73
C ILE B 519 8.05 34.33 -4.26
N GLN B 520 8.79 35.07 -3.43
CA GLN B 520 8.26 36.27 -2.81
C GLN B 520 7.87 37.30 -3.85
N ALA B 521 8.77 37.58 -4.80
CA ALA B 521 8.46 38.56 -5.84
C ALA B 521 7.29 38.10 -6.70
N ALA B 522 7.15 36.80 -6.94
CA ALA B 522 6.00 36.29 -7.66
C ALA B 522 4.71 36.70 -6.96
N LEU B 523 4.59 36.37 -5.67
CA LEU B 523 3.45 36.83 -4.89
C LEU B 523 3.30 38.35 -4.99
N ASP B 524 4.41 39.07 -4.95
CA ASP B 524 4.37 40.52 -5.10
C ASP B 524 3.63 40.90 -6.38
N GLU B 525 3.98 40.26 -7.50
CA GLU B 525 3.32 40.55 -8.76
C GLU B 525 1.87 40.09 -8.77
N LEU B 526 1.60 38.93 -8.16
CA LEU B 526 0.25 38.37 -8.18
C LEU B 526 -0.69 39.20 -7.32
N GLN B 527 -0.31 39.47 -6.07
CA GLN B 527 -1.17 40.23 -5.16
C GLN B 527 -1.51 41.61 -5.69
N LYS B 528 -0.69 42.16 -6.58
CA LYS B 528 -0.86 43.55 -6.97
C LYS B 528 -2.15 43.73 -7.77
N ASN B 529 -2.77 44.89 -7.59
CA ASN B 529 -4.02 45.28 -8.25
C ASN B 529 -5.01 44.12 -8.31
N ARG B 530 -5.20 43.44 -7.18
CA ARG B 530 -6.06 42.26 -7.15
C ARG B 530 -6.46 41.94 -5.72
N THR B 531 -7.76 41.72 -5.52
CA THR B 531 -8.26 41.25 -4.24
C THR B 531 -7.54 39.97 -3.84
N SER B 532 -6.97 39.97 -2.64
CA SER B 532 -6.21 38.81 -2.17
C SER B 532 -6.54 38.57 -0.71
N LEU B 533 -6.88 37.33 -0.39
CA LEU B 533 -7.20 36.90 0.97
C LEU B 533 -6.22 35.79 1.32
N VAL B 534 -5.26 36.07 2.19
CA VAL B 534 -4.12 35.18 2.43
C VAL B 534 -4.10 34.75 3.89
N ILE B 535 -4.12 33.43 4.12
CA ILE B 535 -3.77 32.85 5.41
C ILE B 535 -2.26 32.96 5.54
N ALA B 536 -1.79 34.07 6.11
CA ALA B 536 -0.39 34.45 5.98
C ALA B 536 0.46 33.90 7.11
N HIS B 537 1.63 33.38 6.76
CA HIS B 537 2.71 33.08 7.69
C HIS B 537 3.98 33.87 7.41
N ARG B 538 4.14 34.42 6.21
CA ARG B 538 5.35 35.13 5.85
C ARG B 538 5.33 36.56 6.38
N LEU B 539 6.49 37.05 6.79
CA LEU B 539 6.59 38.42 7.28
C LEU B 539 6.43 39.44 6.16
N SER B 540 6.90 39.11 4.95
CA SER B 540 6.90 40.09 3.86
C SER B 540 5.49 40.29 3.31
N THR B 541 4.76 39.20 3.06
CA THR B 541 3.39 39.32 2.60
C THR B 541 2.49 39.97 3.64
N ILE B 542 2.89 39.95 4.91
CA ILE B 542 2.09 40.54 5.97
C ILE B 542 2.25 42.07 5.98
N GLU B 543 3.49 42.54 6.08
CA GLU B 543 3.70 43.98 6.29
C GLU B 543 3.25 44.79 5.08
N LYS B 544 3.42 44.27 3.87
CA LYS B 544 2.95 44.93 2.66
C LYS B 544 1.58 44.39 2.26
N ALA B 545 0.64 44.50 3.19
CA ALA B 545 -0.74 44.11 3.00
C ALA B 545 -1.65 45.22 3.52
N ASP B 546 -2.79 45.38 2.86
CA ASP B 546 -3.63 46.55 3.11
C ASP B 546 -4.23 46.53 4.51
N GLU B 547 -4.74 45.40 4.96
CA GLU B 547 -5.29 45.31 6.31
C GLU B 547 -4.92 43.96 6.92
N ILE B 548 -4.56 43.99 8.21
CA ILE B 548 -4.26 42.79 8.97
C ILE B 548 -5.47 42.47 9.84
N VAL B 549 -5.79 41.19 9.96
CA VAL B 549 -6.92 40.73 10.76
C VAL B 549 -6.48 39.54 11.61
N VAL B 550 -6.69 39.64 12.92
CA VAL B 550 -6.35 38.58 13.86
C VAL B 550 -7.62 37.81 14.18
N VAL B 551 -7.54 36.48 14.17
CA VAL B 551 -8.64 35.61 14.56
C VAL B 551 -8.19 34.78 15.76
N GLU B 552 -8.94 34.87 16.86
CA GLU B 552 -8.69 34.08 18.05
C GLU B 552 -9.88 33.14 18.24
N ASP B 553 -9.66 31.85 17.97
CA ASP B 553 -10.72 30.85 18.06
C ASP B 553 -11.77 31.21 17.02
N GLY B 554 -13.02 31.43 17.40
CA GLY B 554 -14.06 31.71 16.44
C GLY B 554 -14.34 33.18 16.17
N VAL B 555 -13.52 34.08 16.69
CA VAL B 555 -13.83 35.51 16.66
C VAL B 555 -12.61 36.28 16.19
N ILE B 556 -12.86 37.50 15.73
CA ILE B 556 -11.81 38.45 15.39
C ILE B 556 -11.55 39.32 16.61
N VAL B 557 -10.31 39.32 17.10
CA VAL B 557 -9.98 40.07 18.31
C VAL B 557 -9.60 41.51 18.00
N GLU B 558 -8.79 41.76 16.98
CA GLU B 558 -8.42 43.13 16.66
C GLU B 558 -7.83 43.19 15.24
N ARG B 559 -7.95 44.37 14.63
CA ARG B 559 -7.56 44.63 13.25
C ARG B 559 -6.65 45.85 13.22
N GLY B 560 -6.01 46.09 12.08
CA GLY B 560 -5.14 47.25 11.95
C GLY B 560 -4.49 47.48 10.60
N THR B 561 -4.35 48.75 10.21
CA THR B 561 -3.74 49.15 8.94
C THR B 561 -2.25 49.40 9.12
N HIS B 562 -1.73 50.51 8.55
CA HIS B 562 -0.29 50.77 8.61
C HIS B 562 0.11 51.62 9.81
N ASN B 563 -0.68 52.64 10.17
CA ASN B 563 -0.43 53.34 11.43
C ASN B 563 -0.88 52.50 12.63
N ASP B 564 -1.76 51.52 12.40
CA ASP B 564 -2.14 50.57 13.43
C ASP B 564 -1.21 49.36 13.47
N LEU B 565 -0.59 49.01 12.33
CA LEU B 565 0.45 47.99 12.34
C LEU B 565 1.57 48.35 13.29
N LEU B 566 1.82 49.66 13.49
CA LEU B 566 2.82 50.09 14.45
C LEU B 566 2.51 49.57 15.84
N GLU B 567 1.26 49.68 16.28
CA GLU B 567 0.83 49.12 17.55
C GLU B 567 -0.57 48.56 17.42
N HIS B 568 -0.75 47.31 17.86
CA HIS B 568 -2.04 46.66 17.90
C HIS B 568 -2.51 46.52 19.34
N ARG B 569 -3.81 46.72 19.55
CA ARG B 569 -4.35 46.65 20.90
C ARG B 569 -4.38 45.22 21.43
N GLY B 570 -4.62 44.24 20.56
CA GLY B 570 -4.84 42.88 21.01
C GLY B 570 -3.60 42.00 21.05
N VAL B 571 -3.53 41.03 20.14
CA VAL B 571 -2.59 39.92 20.24
C VAL B 571 -1.37 40.06 19.35
N TYR B 572 -1.37 41.02 18.42
CA TYR B 572 -0.39 41.00 17.33
C TYR B 572 1.04 40.93 17.85
N ALA B 573 1.35 41.68 18.90
CA ALA B 573 2.74 41.75 19.38
C ALA B 573 3.28 40.36 19.68
N GLN B 574 2.51 39.55 20.41
CA GLN B 574 2.97 38.20 20.74
C GLN B 574 2.90 37.27 19.55
N LEU B 575 1.92 37.48 18.65
CA LEU B 575 1.81 36.63 17.47
C LEU B 575 2.96 36.85 16.49
N HIS B 576 3.28 38.12 16.21
CA HIS B 576 4.39 38.43 15.33
C HIS B 576 5.73 38.00 15.94
N LYS B 577 5.88 38.18 17.26
CA LYS B 577 7.13 37.82 17.92
C LYS B 577 7.45 36.34 17.79
N MET B 578 6.43 35.50 17.65
CA MET B 578 6.64 34.05 17.64
C MET B 578 7.11 33.57 16.27
N GLN B 579 6.46 34.03 15.20
CA GLN B 579 6.79 33.57 13.85
C GLN B 579 8.07 34.21 13.36
C1 GMH C . -0.72 -18.70 -8.20
C2 GMH C . -1.34 -17.36 -7.88
C3 GMH C . -0.31 -16.54 -7.11
C4 GMH C . 0.21 -17.37 -5.92
C5 GMH C . 0.58 -18.82 -6.25
C6 GMH C . 0.91 -19.62 -4.99
C7 GMH C . 0.34 -21.04 -4.96
O2 GMH C . -2.51 -17.55 -7.06
O3 GMH C . -0.87 -15.27 -6.68
O4 GMH C . 1.36 -16.70 -5.42
O5 GMH C . -0.50 -19.40 -6.98
O6 GMH C . 0.47 -18.87 -3.85
O7 GMH C . 0.39 -21.52 -3.60
C1 GLC C . -1.43 -14.53 -7.80
C2 GLC C . -0.68 -13.18 -7.99
C3 GLC C . -0.89 -12.20 -6.82
C4 GLC C . -2.40 -12.01 -6.60
C5 GLC C . -3.12 -13.37 -6.48
C6 GLC C . -4.64 -13.31 -6.30
O2 GLC C . 0.71 -13.47 -8.20
O3 GLC C . -0.19 -10.94 -6.96
O4 GLC C . -2.59 -11.28 -5.39
O5 GLC C . -2.82 -14.23 -7.59
O6 GLC C . -5.33 -12.15 -6.86
C1 GLC C . -0.74 -10.05 -7.98
C2 GLC C . 0.44 -9.46 -8.76
C3 GLC C . 0.34 -7.97 -9.05
C4 GLC C . 0.12 -7.23 -7.74
C5 GLC C . -1.15 -7.68 -7.04
C6 GLC C . -2.32 -6.80 -7.50
O2 GLC C . 1.63 -9.71 -8.02
O3 GLC C . -0.73 -7.69 -9.97
O4 GLC C . 1.20 -7.38 -6.81
O5 GLC C . -1.57 -9.01 -7.40
O6 GLC C . -2.41 -5.58 -6.76
C1 GLC C . -4.97 -11.91 -8.23
C2 GLC C . -5.55 -10.58 -8.68
C3 GLC C . -4.92 -10.25 -10.01
C4 GLC C . -5.18 -11.39 -11.01
C5 GLC C . -5.06 -12.80 -10.41
C6 GLC C . -3.60 -13.22 -10.35
O2 GLC C . -6.95 -10.75 -8.88
O3 GLC C . -3.53 -10.08 -9.72
O4 GLC C . -6.47 -11.20 -11.63
O5 GLC C . -5.49 -12.94 -9.06
O6 GLC C . -3.50 -14.52 -9.77
C1 GMH C . -0.30 -22.79 -3.48
C2 GMH C . -1.81 -22.50 -3.66
C3 GMH C . -2.60 -22.29 -2.38
C4 GMH C . -2.15 -23.28 -1.32
C5 GMH C . -0.69 -23.03 -1.07
C6 GMH C . -0.25 -23.75 0.20
C7 GMH C . 1.16 -24.34 0.11
O2 GMH C . -2.39 -23.61 -4.37
O3 GMH C . -3.99 -22.46 -2.63
O4 GMH C . -2.90 -23.09 -0.11
O5 GMH C . 0.02 -23.48 -2.23
O6 GMH C . -1.20 -24.77 0.55
O7 GMH C . 1.50 -24.95 1.37
C1 GCS D . -8.59 -30.47 -8.00
C2 GCS D . -7.55 -31.54 -8.30
C3 GCS D . -6.72 -31.82 -7.06
C4 GCS D . -6.08 -30.54 -6.51
C5 GCS D . -7.11 -29.42 -6.44
C6 GCS D . -6.50 -28.06 -6.05
N2 GCS D . -8.15 -32.77 -8.82
O3 GCS D . -5.70 -32.76 -7.38
O4 GCS D . -5.66 -30.82 -5.18
O5 GCS D . -7.86 -29.29 -7.66
O6 GCS D . -6.26 -27.26 -7.23
C1 KDO D . -4.69 -25.81 -6.05
O1A KDO D . -4.83 -25.72 -4.82
O1B KDO D . -3.58 -25.81 -6.63
C2 KDO D . -5.95 -25.88 -6.89
C3 KDO D . -7.08 -25.28 -6.06
C4 KDO D . -8.19 -24.59 -6.84
O4 KDO D . -8.97 -23.82 -5.92
C5 KDO D . -7.58 -23.72 -7.92
O5 KDO D . -6.79 -22.70 -7.29
C6 KDO D . -6.82 -24.70 -8.80
O6 KDO D . -5.65 -25.12 -8.09
C7 KDO D . -6.54 -24.15 -10.20
O7 KDO D . -7.76 -24.04 -10.92
C8 KDO D . -5.59 -25.06 -10.95
O8 KDO D . -5.53 -24.64 -12.32
C1 KDO D . -9.71 -23.91 -4.06
O1A KDO D . -9.63 -22.88 -3.35
O1B KDO D . -9.48 -25.05 -3.61
C2 KDO D . -10.27 -23.79 -5.46
C3 KDO D . -11.22 -24.95 -5.76
C4 KDO D . -12.70 -24.60 -5.99
O4 KDO D . -13.44 -24.82 -4.77
C5 KDO D . -12.94 -23.17 -6.48
O5 KDO D . -13.58 -22.42 -5.43
C6 KDO D . -11.64 -22.49 -6.86
O6 KDO D . -10.81 -22.50 -5.70
C7 KDO D . -11.86 -21.05 -7.34
O7 KDO D . -11.19 -20.86 -8.60
C8 KDO D . -11.33 -20.02 -6.34
O8 KDO D . -11.49 -18.70 -6.86
C1 GMH D . -5.77 -22.06 -8.10
C2 GMH D . -4.74 -21.51 -7.09
C3 GMH D . -4.32 -20.05 -7.24
C4 GMH D . -5.33 -19.11 -7.90
C5 GMH D . -6.60 -19.80 -8.38
C6 GMH D . -7.23 -18.89 -9.43
C7 GMH D . -8.75 -19.04 -9.48
O2 GMH D . -3.55 -22.29 -7.18
O3 GMH D . -3.13 -20.01 -8.04
O4 GMH D . -5.68 -18.07 -6.99
O5 GMH D . -6.28 -21.04 -8.98
O6 GMH D . -6.70 -19.23 -10.72
O7 GMH D . -9.25 -18.28 -10.59
P 3PE E . 5.12 -50.36 -8.46
N 3PE E . 6.57 -53.89 -7.39
O11 3PE E . 5.83 -49.01 -7.81
O12 3PE E . 4.31 -51.08 -7.45
O13 3PE E . 6.47 -51.55 -8.68
O14 3PE E . 4.82 -50.07 -9.87
C11 3PE E . 6.23 -52.59 -9.49
C12 3PE E . 6.97 -53.81 -8.86
C1 3PE E . 7.02 -48.47 -8.30
C2 3PE E . 7.54 -47.39 -7.31
C3 3PE E . 6.49 -46.20 -7.13
O31 3PE E . 6.68 -45.46 -5.90
O32 3PE E . 7.85 -43.53 -5.86
C31 3PE E . 7.86 -44.75 -5.73
C32 3PE E . 9.13 -45.53 -5.37
O21 3PE E . 7.80 -48.01 -6.01
O22 3PE E . 9.46 -49.31 -6.80
C21 3PE E . 8.87 -48.89 -5.82
C22 3PE E . 9.31 -49.33 -4.40
C23 3PE E . 9.24 -50.88 -4.12
C24 3PE E . 10.59 -51.66 -4.13
C25 3PE E . 11.03 -52.28 -2.75
C4 AU7 F . 4.37 -36.53 -21.67
C14 AU7 F . 5.21 -33.49 -23.03
C5 AU7 F . 3.88 -37.11 -20.50
C6 AU7 F . 2.51 -37.19 -20.29
C11 AU7 F . 6.60 -37.76 -22.18
C7 AU7 F . 1.63 -36.71 -21.25
C8 AU7 F . 2.13 -36.14 -22.41
C10 AU7 F . 5.86 -36.46 -21.86
C12 AU7 F . 6.75 -37.12 -20.80
C3 AU7 F . 3.49 -36.05 -22.62
C1 AU7 F . 4.22 -36.48 -24.97
C15 AU7 F . 6.46 -32.92 -22.80
C16 AU7 F . 6.61 -31.75 -22.13
C17 AU7 F . 5.47 -31.06 -21.68
C18 AU7 F . 4.18 -31.62 -21.90
C19 AU7 F . 4.07 -32.84 -22.59
C2 AU7 F . 3.97 -35.40 -23.91
C20 AU7 F . 3.05 -30.90 -21.42
C21 AU7 F . 3.28 -29.70 -20.75
C22 AU7 F . 4.60 -29.23 -20.58
C24 AU7 F . 2.18 -28.86 -20.24
C25 AU7 F . 2.35 -27.52 -20.30
C26 AU7 F . 1.33 -26.58 -19.83
C29 AU7 F . 1.65 -31.42 -21.63
C30 AU7 F . 1.31 -32.78 -21.02
C31 AU7 F . 0.71 -31.50 -20.43
N23 AU7 F . 5.62 -29.90 -21.02
O13 AU7 F . 5.18 -34.67 -23.72
O27 AU7 F . 0.28 -27.00 -19.37
O28 AU7 F . 1.54 -25.25 -19.91
CL9 AU7 F . 1.06 -35.53 -23.61
C1 FTT G . -7.57 -30.84 -16.18
C2 FTT G . -8.42 -31.17 -17.38
C3 FTT G . -8.31 -32.67 -17.71
C4 FTT G . -8.96 -32.93 -19.06
C5 FTT G . -7.93 -33.17 -20.15
C6 FTT G . -7.56 -34.64 -20.24
C7 FTT G . -6.88 -34.98 -21.56
C8 FTT G . -7.62 -36.13 -22.24
C9 FTT G . -6.65 -37.17 -22.79
C10 FTT G . -7.37 -38.51 -22.95
C11 FTT G . -6.40 -39.61 -23.34
C12 FTT G . -7.09 -40.97 -23.28
C13 FTT G . -6.06 -42.09 -23.32
C14 FTT G . -6.39 -43.12 -22.27
O2 FTT G . -7.37 -31.73 -15.32
O3 FTT G . -6.93 -33.05 -17.76
C1 FTT H . -9.03 -33.89 -8.77
C2 FTT H . -9.63 -35.14 -9.39
C3 FTT H . -9.31 -35.17 -10.87
C4 FTT H . -7.82 -35.43 -11.06
C5 FTT H . -7.39 -35.13 -12.50
C6 FTT H . -6.03 -35.74 -12.79
C7 FTT H . -6.16 -37.20 -13.23
C8 FTT H . -4.95 -38.02 -12.78
C9 FTT H . -5.35 -39.00 -11.69
C10 FTT H . -6.16 -40.15 -12.28
C11 FTT H . -7.03 -40.82 -11.22
C12 FTT H . -7.74 -42.04 -11.79
C13 FTT H . -9.06 -42.32 -11.07
C14 FTT H . -9.72 -43.55 -11.65
O2 FTT H . -9.15 -33.73 -7.54
O3 FTT H . -10.06 -36.23 -11.49
C1 FTT I . -5.02 -33.48 -8.34
C2 FTT I . -4.31 -34.79 -8.15
C3 FTT I . -5.31 -35.84 -7.72
C4 FTT I . -4.59 -37.11 -7.27
C5 FTT I . -4.25 -38.04 -8.43
C6 FTT I . -4.36 -39.49 -8.00
C7 FTT I . -5.79 -39.89 -7.67
C8 FTT I . -5.88 -41.36 -7.30
C9 FTT I . -7.29 -41.90 -7.42
C10 FTT I . -7.25 -43.31 -8.00
C11 FTT I . -8.25 -44.24 -7.32
C12 FTT I . -7.95 -45.69 -7.70
C13 FTT I . -8.70 -46.68 -6.82
C14 FTT I . -8.02 -48.02 -6.79
O2 FTT I . -4.65 -32.72 -9.26
O3 FTT I . -6.12 -35.34 -6.65
C1 MYR J . -6.92 -35.51 -5.55
O1 MYR J . -7.40 -34.64 -4.78
C2 MYR J . -7.72 -36.75 -5.86
C3 MYR J . -7.89 -37.59 -4.60
C4 MYR J . -9.01 -37.04 -3.72
C5 MYR J . -9.54 -38.12 -2.79
C6 MYR J . -10.35 -39.15 -3.58
C7 MYR J . -10.21 -40.54 -2.99
C8 MYR J . -10.52 -41.61 -4.04
C9 MYR J . -10.09 -42.99 -3.59
C10 MYR J . -10.67 -44.07 -4.50
C11 MYR J . -11.92 -44.69 -3.88
C12 MYR J . -12.63 -45.62 -4.88
C13 MYR J . -11.63 -46.54 -5.55
C14 MYR J . -12.30 -47.46 -6.55
P PO4 K . -4.98 -31.67 -4.06
O2 PO4 K . -5.58 -31.91 -2.70
O3 PO4 K . -3.94 -32.73 -4.33
O4 PO4 K . -4.32 -30.32 -4.05
P 3PE L . -25.93 -42.01 -20.46
N 3PE L . -26.64 -45.58 -24.16
O11 3PE L . -26.29 -40.44 -20.89
O12 3PE L . -27.22 -42.67 -20.12
O13 3PE L . -25.48 -42.89 -21.99
O14 3PE L . -24.63 -42.09 -19.77
C11 3PE L . -26.05 -44.10 -22.21
C12 3PE L . -26.56 -44.12 -23.69
C1 3PE L . -25.91 -39.86 -22.10
C2 3PE L . -24.38 -39.60 -22.03
C3 3PE L . -23.95 -39.01 -20.62
O31 3PE L . -24.74 -37.86 -20.23
O32 3PE L . -24.09 -36.72 -22.04
C31 3PE L . -24.60 -36.69 -20.93
C32 3PE L . -25.08 -35.39 -20.28
O21 3PE L . -23.67 -40.87 -22.20
O22 3PE L . -22.47 -42.18 -23.56
C21 3PE L . -23.38 -41.39 -23.45
C22 3PE L . -24.18 -40.97 -24.70
C29 3PE M . -10.38 -15.26 -35.20
C2A 3PE M . -11.50 -15.91 -34.34
C2B 3PE M . -11.56 -17.46 -34.38
C2C 3PE M . -11.45 -18.19 -33.01
C2D 3PE M . -9.99 -18.54 -32.57
C2E 3PE M . -9.89 -19.34 -31.24
C2F 3PE M . -10.35 -20.81 -31.32
C2G 3PE M . -9.71 -21.74 -30.25
C2H 3PE M . -9.17 -23.09 -30.78
C2I 3PE M . -8.81 -24.05 -29.63
C2C 3PE N . -32.78 -11.69 -14.28
C2D 3PE N . -31.81 -12.76 -14.89
C2E 3PE N . -31.08 -13.66 -13.84
C2F 3PE N . -30.61 -15.04 -14.37
C2G 3PE N . -29.30 -14.99 -15.19
C2H 3PE N . -28.96 -16.27 -15.99
C2I 3PE N . -28.64 -15.94 -17.45
C4 AU7 O . -21.19 -37.65 -3.00
C14 AU7 O . -21.27 -35.64 -0.07
C5 AU7 O . -20.84 -37.64 -4.33
C6 AU7 O . -19.52 -37.87 -4.72
C11 AU7 O . -23.67 -37.72 -3.69
C7 AU7 O . -18.56 -38.12 -3.76
C8 AU7 O . -18.92 -38.13 -2.42
C10 AU7 O . -22.63 -37.40 -2.63
C12 AU7 O . -23.37 -36.26 -3.34
C3 AU7 O . -20.23 -37.90 -2.03
C1 AU7 O . -21.04 -39.32 -0.18
C15 AU7 O . -22.31 -34.77 0.22
C16 AU7 O . -22.11 -33.43 0.36
C17 AU7 O . -20.80 -32.92 0.23
C18 AU7 O . -19.73 -33.80 -0.07
C19 AU7 O . -19.99 -35.18 -0.21
C2 AU7 O . -20.56 -37.92 -0.56
C20 AU7 O . -18.42 -33.28 -0.21
C21 AU7 O . -18.26 -31.89 -0.04
C22 AU7 O . -19.39 -31.09 0.25
C24 AU7 O . -16.96 -31.21 -0.14
C25 AU7 O . -16.72 -30.12 0.61
C26 AU7 O . -15.42 -29.44 0.53
C29 AU7 O . -17.28 -34.22 -0.51
C30 AU7 O . -17.16 -34.71 -1.96
C31 AU7 O . -16.10 -33.77 -1.37
N23 AU7 O . -20.59 -31.61 0.37
O13 AU7 O . -21.56 -36.98 -0.20
O27 AU7 O . -15.21 -28.45 1.21
O28 AU7 O . -14.45 -29.91 -0.28
CL9 AU7 O . -17.74 -38.44 -1.20
C1 PA1 P . -7.79 -27.83 -14.49
O1 PA1 P . -9.02 -27.13 -14.72
C2 PA1 P . -7.97 -29.34 -14.70
N2 PA1 P . -8.34 -29.64 -16.06
C3 PA1 P . -9.03 -29.85 -13.74
O3 PA1 P . -9.39 -31.22 -14.00
C4 PA1 P . -8.44 -29.67 -12.36
O4 PA1 P . -9.34 -30.28 -11.43
C5 PA1 P . -8.19 -28.17 -12.14
O5 PA1 P . -7.33 -27.62 -13.15
C6 PA1 P . -7.49 -27.93 -10.83
O6 PA1 P . -7.21 -29.23 -10.30
P PO4 Q . -9.84 -26.88 -16.02
O2 PO4 Q . -10.31 -25.50 -16.43
O3 PO4 Q . -9.24 -27.56 -17.23
O4 PO4 Q . -11.04 -27.68 -15.59
C1 FTT R . -10.73 -31.50 -13.96
C2 FTT R . -10.86 -32.78 -14.76
C3 FTT R . -12.13 -33.52 -14.34
C4 FTT R . -12.19 -34.88 -15.03
C5 FTT R . -12.79 -34.80 -16.43
C6 FTT R . -11.73 -34.58 -17.52
C7 FTT R . -11.31 -35.88 -18.17
C8 FTT R . -10.65 -36.82 -17.18
C9 FTT R . -10.00 -38.01 -17.87
C10 FTT R . -11.02 -38.81 -18.68
C11 FTT R . -10.37 -40.04 -19.31
C12 FTT R . -10.68 -40.09 -20.80
C13 FTT R . -10.32 -41.45 -21.38
C14 FTT R . -10.80 -41.58 -22.81
O2 FTT R . -11.65 -30.65 -14.07
O3 FTT R . -12.16 -33.68 -12.91
O1 DAO S . -11.96 -36.78 -12.51
C1 DAO S . -10.87 -37.18 -12.08
C2 DAO S . -10.68 -38.66 -11.90
C3 DAO S . -11.15 -39.37 -13.16
C4 DAO S . -10.37 -38.88 -14.37
C5 DAO S . -9.31 -39.89 -14.80
C6 DAO S . -9.93 -40.93 -15.71
C7 DAO S . -9.34 -42.32 -15.46
C8 DAO S . -8.14 -42.59 -16.35
C9 DAO S . -7.80 -44.07 -16.33
C10 DAO S . -8.57 -44.85 -17.39
C11 DAO S . -7.64 -45.38 -18.48
C12 DAO S . -7.46 -44.36 -19.59
P1 DPO T . -6.23 -17.47 -5.67
O1 DPO T . -5.21 -16.36 -5.49
O3 DPO T . -7.18 -17.44 -6.85
O4 DPO T . -7.12 -17.63 -4.34
P2 DPO T . -7.23 -16.49 -3.20
O5 DPO T . -6.67 -15.23 -3.84
O6 DPO T . -8.72 -16.43 -2.94
O7 DPO T . -6.41 -17.00 -2.04
#